data_8EFZ
#
_entry.id   8EFZ
#
_cell.length_a   73.606
_cell.length_b   110.942
_cell.length_c   73.686
_cell.angle_alpha   90.000
_cell.angle_beta   113.720
_cell.angle_gamma   90.000
#
_symmetry.space_group_name_H-M   'P 1 21 1'
#
loop_
_entity.id
_entity.type
_entity.pdbx_description
1 polymer 'Extracellular solute-binding protein family 5'
2 non-polymer 'CHLORIDE ION'
3 water water
#
_entity_poly.entity_id   1
_entity_poly.type   'polypeptide(L)'
_entity_poly.pdbx_seq_one_letter_code
;GTSTKKASDSGKTLVYGAEFEDEKLNPILTEDKYTNEEIFTGLMKFDENNIPKPEIADSYTISDDKLTYDFKLKKGIKFH
DETELKAEDVVFTLKSILDEKVNSSLKPEYSEIKDVQAVNDYEVKVILKEAFPPLLDKLTIGIIPKHCFNGKDINTAEFN
QKPIGTGPFKFVKWDKGNNITLTKFKDYYGKTGNIEKFVVKFIADYNVRAMQLQTGEIDVAYLEPSQVSKIEKLNNVKVY
KVDTADYRCMMYNMKKDIWKDVNVRKAFNYALDRKGMVDGILLGYGSEAYSPLQINKFNNPDVEKYSYNLDKSNSLLESA
GWKKGSDGIRVKDGKKLEFTLTAPKTDEVRVKMAEYFASQFKKIGAEVKVDALDWDAIKIDKCDAFLLGWGSPFDADDHT
FRLFHSSEINGGDNNGSYSNPKVDEALYKARTTTDENERKKYYAEFQKELAEDPAYDFGVYLKALFGVNKRVSGVKEKVL
GHHGAGFLWNVEQWNVN
;
_entity_poly.pdbx_strand_id   A,B
#
# COMPACT_ATOMS: atom_id res chain seq x y z
N GLY A 11 4.18 -20.27 8.19
CA GLY A 11 4.92 -19.18 8.79
C GLY A 11 4.41 -18.81 10.17
N LYS A 12 4.31 -19.81 11.05
CA LYS A 12 3.93 -19.65 12.46
C LYS A 12 2.70 -18.82 12.79
N THR A 13 2.84 -17.89 13.74
CA THR A 13 1.72 -17.28 14.43
C THR A 13 1.85 -15.76 14.31
N LEU A 14 0.70 -15.09 14.25
CA LEU A 14 0.61 -13.64 14.36
C LEU A 14 -0.35 -13.29 15.48
N VAL A 15 0.11 -12.46 16.42
CA VAL A 15 -0.66 -12.10 17.60
C VAL A 15 -1.18 -10.68 17.43
N TYR A 16 -2.46 -10.48 17.75
CA TYR A 16 -3.11 -9.18 17.68
C TYR A 16 -3.64 -8.80 19.05
N GLY A 17 -3.25 -7.63 19.54
CA GLY A 17 -3.72 -7.14 20.82
C GLY A 17 -4.92 -6.23 20.69
N ALA A 18 -6.11 -6.82 20.59
CA ALA A 18 -7.33 -6.05 20.41
C ALA A 18 -7.74 -5.39 21.73
N GLU A 19 -8.25 -4.17 21.61
CA GLU A 19 -8.67 -3.41 22.79
C GLU A 19 -10.09 -3.74 23.23
N PHE A 20 -10.88 -4.42 22.39
CA PHE A 20 -12.24 -4.80 22.73
C PHE A 20 -12.44 -6.28 22.47
N GLU A 21 -13.20 -6.94 23.35
CA GLU A 21 -13.48 -8.36 23.22
C GLU A 21 -14.81 -8.59 22.51
N ASP A 22 -14.85 -9.65 21.71
CA ASP A 22 -16.08 -9.99 21.01
C ASP A 22 -17.17 -10.40 22.01
N GLU A 23 -18.42 -10.22 21.60
CA GLU A 23 -19.56 -10.72 22.35
C GLU A 23 -20.05 -12.05 21.79
N LYS A 24 -20.49 -12.05 20.52
CA LYS A 24 -20.89 -13.26 19.82
C LYS A 24 -20.11 -13.34 18.53
N LEU A 25 -19.73 -14.57 18.15
CA LEU A 25 -18.99 -14.79 16.91
C LEU A 25 -19.95 -15.21 15.79
N ASN A 26 -20.87 -14.30 15.49
CA ASN A 26 -21.84 -14.48 14.42
C ASN A 26 -21.87 -13.18 13.61
N PRO A 27 -21.75 -13.26 12.27
CA PRO A 27 -21.79 -12.02 11.47
C PRO A 27 -23.07 -11.23 11.66
N ILE A 28 -24.21 -11.92 11.77
CA ILE A 28 -25.42 -11.27 12.25
C ILE A 28 -25.40 -11.26 13.77
N LEU A 29 -26.24 -10.41 14.36
CA LEU A 29 -26.32 -10.06 15.78
C LEU A 29 -25.18 -9.12 16.19
N THR A 30 -24.15 -8.94 15.37
CA THR A 30 -23.01 -8.11 15.73
C THR A 30 -22.63 -7.22 14.56
N GLU A 31 -22.41 -5.93 14.84
CA GLU A 31 -21.94 -4.99 13.84
C GLU A 31 -20.45 -4.69 13.97
N ASP A 32 -19.79 -5.19 15.01
CA ASP A 32 -18.38 -4.93 15.21
C ASP A 32 -17.53 -5.72 14.22
N LYS A 33 -16.46 -5.11 13.75
CA LYS A 33 -15.52 -5.76 12.85
C LYS A 33 -14.35 -6.37 13.63
N TYR A 34 -14.69 -7.29 14.52
CA TYR A 34 -13.74 -7.92 15.41
C TYR A 34 -13.29 -9.26 14.78
N THR A 35 -13.26 -10.37 15.51
CA THR A 35 -12.80 -11.64 14.96
C THR A 35 -13.75 -12.17 13.88
N ASN A 36 -14.97 -11.65 13.79
CA ASN A 36 -15.88 -12.06 12.73
C ASN A 36 -15.27 -11.82 11.35
N GLU A 37 -14.42 -10.79 11.22
CA GLU A 37 -13.84 -10.46 9.92
C GLU A 37 -12.82 -11.49 9.45
N GLU A 38 -12.34 -12.35 10.34
CA GLU A 38 -11.37 -13.38 9.97
C GLU A 38 -12.00 -14.77 9.85
N ILE A 39 -13.23 -14.94 10.31
CA ILE A 39 -13.87 -16.25 10.31
C ILE A 39 -14.94 -16.38 9.24
N PHE A 40 -15.58 -15.29 8.82
CA PHE A 40 -16.67 -15.34 7.86
C PHE A 40 -16.36 -14.47 6.66
N THR A 41 -16.96 -14.83 5.52
CA THR A 41 -16.95 -14.01 4.32
C THR A 41 -18.34 -14.06 3.70
N GLY A 42 -18.61 -13.12 2.81
CA GLY A 42 -19.94 -12.99 2.24
C GLY A 42 -19.98 -13.03 0.73
N LEU A 43 -21.18 -12.79 0.16
CA LEU A 43 -21.31 -12.75 -1.29
C LEU A 43 -20.42 -11.70 -1.91
N MET A 44 -20.06 -10.67 -1.16
CA MET A 44 -19.17 -9.62 -1.62
C MET A 44 -18.08 -9.42 -0.57
N LYS A 45 -17.14 -8.52 -0.87
CA LYS A 45 -16.08 -8.16 0.07
C LYS A 45 -15.44 -6.85 -0.41
N PHE A 46 -15.26 -5.92 0.51
CA PHE A 46 -14.65 -4.64 0.16
C PHE A 46 -13.18 -4.84 -0.20
N ASP A 47 -12.75 -4.18 -1.28
CA ASP A 47 -11.41 -4.37 -1.81
C ASP A 47 -10.47 -3.31 -1.22
N GLU A 48 -9.36 -3.04 -1.91
CA GLU A 48 -8.38 -2.07 -1.42
C GLU A 48 -8.95 -0.65 -1.43
N ASN A 49 -9.93 -0.37 -2.30
CA ASN A 49 -10.53 0.95 -2.40
C ASN A 49 -11.88 1.02 -1.72
N ASN A 50 -12.16 0.11 -0.79
CA ASN A 50 -13.44 0.07 -0.07
C ASN A 50 -14.62 -0.04 -1.03
N ILE A 51 -14.47 -0.90 -2.04
CA ILE A 51 -15.49 -1.13 -3.06
C ILE A 51 -15.89 -2.60 -2.98
N PRO A 52 -17.18 -2.92 -2.84
CA PRO A 52 -17.58 -4.33 -2.71
C PRO A 52 -17.39 -5.08 -4.01
N LYS A 53 -16.54 -6.11 -3.97
CA LYS A 53 -16.27 -6.96 -5.12
C LYS A 53 -16.71 -8.39 -4.82
N PRO A 54 -17.08 -9.16 -5.84
CA PRO A 54 -17.57 -10.52 -5.61
C PRO A 54 -16.59 -11.35 -4.81
N GLU A 55 -17.12 -12.08 -3.83
CA GLU A 55 -16.31 -12.92 -2.94
C GLU A 55 -16.80 -14.36 -2.97
N ILE A 56 -17.90 -14.64 -2.27
CA ILE A 56 -18.47 -15.98 -2.30
C ILE A 56 -19.16 -16.20 -3.65
N ALA A 57 -19.84 -15.19 -4.16
CA ALA A 57 -20.41 -15.25 -5.50
C ALA A 57 -19.33 -14.93 -6.53
N ASP A 58 -19.45 -15.57 -7.70
CA ASP A 58 -18.54 -15.32 -8.80
C ASP A 58 -19.07 -14.30 -9.80
N SER A 59 -20.40 -14.17 -9.89
CA SER A 59 -20.99 -13.25 -10.85
C SER A 59 -22.30 -12.74 -10.29
N TYR A 60 -22.76 -11.61 -10.82
CA TYR A 60 -24.07 -11.06 -10.50
C TYR A 60 -24.46 -10.05 -11.57
N THR A 61 -25.77 -9.87 -11.71
CA THR A 61 -26.31 -8.88 -12.63
C THR A 61 -27.62 -8.35 -12.07
N ILE A 62 -27.94 -7.11 -12.43
CA ILE A 62 -29.13 -6.43 -11.92
C ILE A 62 -30.08 -6.18 -13.07
N SER A 63 -31.37 -6.19 -12.77
CA SER A 63 -32.39 -5.93 -13.78
C SER A 63 -32.48 -4.43 -14.07
N ASP A 64 -33.33 -4.07 -15.02
CA ASP A 64 -33.45 -2.68 -15.45
C ASP A 64 -34.22 -1.81 -14.47
N ASP A 65 -34.97 -2.40 -13.54
CA ASP A 65 -35.58 -1.61 -12.48
C ASP A 65 -34.66 -1.45 -11.27
N LYS A 66 -33.63 -2.28 -11.16
CA LYS A 66 -32.62 -2.32 -10.10
C LYS A 66 -33.16 -3.00 -8.84
N LEU A 67 -34.30 -3.70 -8.93
CA LEU A 67 -34.90 -4.32 -7.75
C LEU A 67 -34.48 -5.76 -7.54
N THR A 68 -33.91 -6.41 -8.55
CA THR A 68 -33.54 -7.83 -8.48
C THR A 68 -32.05 -7.96 -8.71
N TYR A 69 -31.35 -8.51 -7.72
CA TYR A 69 -29.91 -8.73 -7.77
C TYR A 69 -29.68 -10.22 -7.99
N ASP A 70 -29.34 -10.59 -9.23
CA ASP A 70 -29.26 -12.00 -9.62
C ASP A 70 -27.83 -12.48 -9.38
N PHE A 71 -27.62 -13.18 -8.26
CA PHE A 71 -26.32 -13.71 -7.90
C PHE A 71 -26.13 -15.11 -8.46
N LYS A 72 -24.86 -15.50 -8.61
CA LYS A 72 -24.49 -16.87 -8.95
C LYS A 72 -23.29 -17.25 -8.09
N LEU A 73 -23.39 -18.37 -7.38
CA LEU A 73 -22.43 -18.73 -6.35
C LEU A 73 -21.34 -19.63 -6.89
N LYS A 74 -20.15 -19.50 -6.32
CA LYS A 74 -19.07 -20.43 -6.59
C LYS A 74 -19.41 -21.79 -5.99
N LYS A 75 -19.25 -22.84 -6.79
CA LYS A 75 -19.52 -24.19 -6.31
C LYS A 75 -18.33 -24.70 -5.50
N GLY A 76 -18.64 -25.47 -4.45
CA GLY A 76 -17.62 -26.09 -3.64
C GLY A 76 -17.12 -25.27 -2.47
N ILE A 77 -17.73 -24.12 -2.19
CA ILE A 77 -17.34 -23.34 -1.02
C ILE A 77 -17.71 -24.14 0.23
N LYS A 78 -16.71 -24.42 1.05
CA LYS A 78 -16.87 -25.29 2.21
C LYS A 78 -16.78 -24.47 3.50
N PHE A 79 -17.60 -24.83 4.47
CA PHE A 79 -17.52 -24.24 5.80
C PHE A 79 -16.35 -24.85 6.56
N HIS A 80 -16.19 -24.42 7.81
CA HIS A 80 -15.10 -24.95 8.63
C HIS A 80 -15.29 -26.43 8.93
N ASP A 81 -16.54 -26.90 8.96
CA ASP A 81 -16.83 -28.31 9.21
C ASP A 81 -16.86 -29.14 7.94
N GLU A 82 -16.30 -28.62 6.85
CA GLU A 82 -16.21 -29.34 5.57
C GLU A 82 -17.59 -29.63 4.99
N THR A 83 -18.53 -28.72 5.18
CA THR A 83 -19.84 -28.80 4.57
C THR A 83 -19.94 -27.79 3.44
N GLU A 84 -20.55 -28.21 2.32
CA GLU A 84 -20.63 -27.36 1.14
C GLU A 84 -21.64 -26.25 1.33
N LEU A 85 -21.22 -25.02 0.98
CA LEU A 85 -22.12 -23.88 1.05
C LEU A 85 -23.05 -23.87 -0.16
N LYS A 86 -24.34 -23.79 0.10
CA LYS A 86 -25.36 -23.71 -0.94
C LYS A 86 -26.14 -22.41 -0.79
N ALA A 87 -27.13 -22.22 -1.66
CA ALA A 87 -27.99 -21.04 -1.55
C ALA A 87 -28.87 -21.10 -0.31
N GLU A 88 -29.04 -22.28 0.29
CA GLU A 88 -29.80 -22.39 1.52
C GLU A 88 -29.22 -21.51 2.61
N ASP A 89 -27.90 -21.54 2.77
CA ASP A 89 -27.25 -20.81 3.85
C ASP A 89 -27.29 -19.30 3.59
N VAL A 90 -27.11 -18.89 2.33
CA VAL A 90 -27.20 -17.48 2.00
C VAL A 90 -28.62 -16.97 2.22
N VAL A 91 -29.62 -17.77 1.84
CA VAL A 91 -31.01 -17.41 2.11
C VAL A 91 -31.28 -17.44 3.61
N PHE A 92 -30.69 -18.40 4.32
CA PHE A 92 -30.87 -18.48 5.76
C PHE A 92 -30.27 -17.26 6.46
N THR A 93 -29.09 -16.83 6.03
CA THR A 93 -28.41 -15.72 6.71
C THR A 93 -29.16 -14.41 6.51
N LEU A 94 -29.60 -14.13 5.29
CA LEU A 94 -30.25 -12.85 5.00
C LEU A 94 -31.68 -12.82 5.50
N LYS A 95 -32.39 -13.95 5.46
CA LYS A 95 -33.77 -13.97 5.94
C LYS A 95 -33.83 -13.93 7.47
N SER A 96 -32.83 -14.51 8.14
CA SER A 96 -32.79 -14.47 9.59
C SER A 96 -32.50 -13.07 10.11
N ILE A 97 -31.94 -12.19 9.28
CA ILE A 97 -31.76 -10.80 9.68
C ILE A 97 -33.12 -10.11 9.77
N LEU A 98 -33.94 -10.26 8.74
CA LEU A 98 -35.26 -9.64 8.72
C LEU A 98 -36.27 -10.36 9.59
N ASP A 99 -35.91 -11.50 10.18
CA ASP A 99 -36.81 -12.21 11.08
C ASP A 99 -37.07 -11.35 12.31
N GLU A 100 -38.34 -11.08 12.58
CA GLU A 100 -38.69 -10.18 13.67
C GLU A 100 -38.30 -10.75 15.03
N LYS A 101 -38.27 -12.08 15.17
CA LYS A 101 -37.97 -12.68 16.47
C LYS A 101 -36.47 -12.68 16.75
N VAL A 102 -35.64 -12.87 15.73
CA VAL A 102 -34.20 -12.78 15.93
C VAL A 102 -33.82 -11.41 16.46
N ASN A 103 -34.50 -10.37 15.99
CA ASN A 103 -34.33 -8.99 16.47
C ASN A 103 -32.86 -8.55 16.36
N SER A 104 -32.33 -8.67 15.15
CA SER A 104 -30.94 -8.30 14.91
C SER A 104 -30.77 -6.78 15.00
N SER A 105 -29.54 -6.37 15.32
CA SER A 105 -29.22 -4.96 15.32
C SER A 105 -29.07 -4.43 13.90
N LEU A 106 -28.72 -5.30 12.95
CA LEU A 106 -28.54 -4.93 11.56
C LEU A 106 -29.82 -5.02 10.75
N LYS A 107 -30.95 -5.38 11.37
CA LYS A 107 -32.20 -5.50 10.63
C LYS A 107 -32.63 -4.19 9.97
N PRO A 108 -32.62 -3.04 10.65
CA PRO A 108 -32.98 -1.79 9.95
C PRO A 108 -32.03 -1.44 8.82
N GLU A 109 -30.81 -1.97 8.83
CA GLU A 109 -29.85 -1.73 7.75
C GLU A 109 -30.06 -2.65 6.56
N TYR A 110 -30.91 -3.66 6.69
CA TYR A 110 -31.26 -4.56 5.59
C TYR A 110 -32.74 -4.57 5.28
N SER A 111 -33.52 -3.70 5.93
CA SER A 111 -34.98 -3.81 5.87
C SER A 111 -35.59 -3.31 4.56
N GLU A 112 -34.79 -2.76 3.66
CA GLU A 112 -35.27 -2.44 2.31
C GLU A 112 -35.28 -3.66 1.40
N ILE A 113 -34.96 -4.83 1.94
CA ILE A 113 -34.99 -6.07 1.18
C ILE A 113 -36.38 -6.68 1.30
N LYS A 114 -37.03 -6.91 0.15
CA LYS A 114 -38.34 -7.55 0.17
C LYS A 114 -38.22 -9.03 0.48
N ASP A 115 -37.42 -9.75 -0.31
CA ASP A 115 -37.25 -11.19 -0.11
C ASP A 115 -35.93 -11.62 -0.74
N VAL A 116 -35.34 -12.67 -0.18
CA VAL A 116 -34.13 -13.28 -0.71
C VAL A 116 -34.48 -14.69 -1.15
N GLN A 117 -34.39 -14.95 -2.45
CA GLN A 117 -34.86 -16.19 -3.04
C GLN A 117 -33.69 -17.06 -3.48
N ALA A 118 -33.91 -18.37 -3.42
CA ALA A 118 -32.93 -19.37 -3.88
C ALA A 118 -33.57 -20.13 -5.04
N VAL A 119 -33.25 -19.72 -6.27
CA VAL A 119 -33.77 -20.40 -7.46
C VAL A 119 -32.84 -21.50 -7.94
N ASN A 120 -31.74 -21.74 -7.25
CA ASN A 120 -30.77 -22.77 -7.60
C ASN A 120 -29.83 -22.94 -6.41
N ASP A 121 -29.26 -24.15 -6.29
CA ASP A 121 -28.34 -24.43 -5.18
C ASP A 121 -27.16 -23.46 -5.17
N TYR A 122 -26.78 -22.93 -6.33
CA TYR A 122 -25.66 -22.00 -6.44
C TYR A 122 -26.09 -20.76 -7.21
N GLU A 123 -27.30 -20.27 -6.95
CA GLU A 123 -27.79 -19.04 -7.58
C GLU A 123 -28.85 -18.44 -6.67
N VAL A 124 -28.56 -17.25 -6.14
CA VAL A 124 -29.45 -16.57 -5.20
C VAL A 124 -30.01 -15.32 -5.86
N LYS A 125 -31.25 -14.99 -5.51
CA LYS A 125 -31.92 -13.79 -5.97
C LYS A 125 -32.36 -12.97 -4.77
N VAL A 126 -32.00 -11.68 -4.76
CA VAL A 126 -32.34 -10.77 -3.68
C VAL A 126 -33.31 -9.73 -4.24
N ILE A 127 -34.49 -9.66 -3.65
CA ILE A 127 -35.55 -8.73 -4.07
C ILE A 127 -35.65 -7.63 -3.03
N LEU A 128 -35.68 -6.38 -3.50
CA LEU A 128 -35.76 -5.22 -2.63
C LEU A 128 -37.19 -4.69 -2.57
N LYS A 129 -37.42 -3.79 -1.61
CA LYS A 129 -38.64 -3.00 -1.60
C LYS A 129 -38.57 -1.92 -2.67
N GLU A 130 -37.60 -1.02 -2.56
CA GLU A 130 -37.31 0.01 -3.54
C GLU A 130 -35.85 -0.11 -3.98
N ALA A 131 -35.46 0.72 -4.93
CA ALA A 131 -34.10 0.69 -5.45
C ALA A 131 -33.11 1.07 -4.36
N PHE A 132 -32.09 0.23 -4.16
CA PHE A 132 -31.07 0.46 -3.14
C PHE A 132 -29.69 0.18 -3.73
N PRO A 133 -29.02 1.18 -4.27
CA PRO A 133 -27.69 0.98 -4.85
C PRO A 133 -26.70 0.42 -3.83
N PRO A 134 -26.60 0.97 -2.59
CA PRO A 134 -25.61 0.42 -1.66
C PRO A 134 -25.98 -0.93 -1.08
N LEU A 135 -26.76 -1.73 -1.82
CA LEU A 135 -27.10 -3.07 -1.36
C LEU A 135 -25.88 -3.97 -1.35
N LEU A 136 -25.03 -3.87 -2.37
CA LEU A 136 -23.86 -4.74 -2.43
C LEU A 136 -22.87 -4.42 -1.32
N ASP A 137 -22.90 -3.19 -0.81
CA ASP A 137 -22.08 -2.86 0.35
C ASP A 137 -22.55 -3.64 1.58
N LYS A 138 -23.86 -3.78 1.76
CA LYS A 138 -24.39 -4.46 2.93
C LYS A 138 -24.31 -5.97 2.80
N LEU A 139 -24.36 -6.50 1.58
CA LEU A 139 -24.29 -7.93 1.35
C LEU A 139 -22.88 -8.50 1.43
N THR A 140 -21.94 -7.74 1.98
CA THR A 140 -20.64 -8.28 2.37
C THR A 140 -20.69 -9.01 3.70
N ILE A 141 -21.90 -9.18 4.26
CA ILE A 141 -22.06 -9.83 5.55
C ILE A 141 -21.75 -11.32 5.43
N GLY A 142 -21.18 -11.88 6.49
CA GLY A 142 -20.76 -13.27 6.45
C GLY A 142 -21.94 -14.22 6.41
N ILE A 143 -21.79 -15.29 5.66
CA ILE A 143 -22.82 -16.33 5.53
C ILE A 143 -22.54 -17.42 6.55
N ILE A 144 -23.57 -17.82 7.29
CA ILE A 144 -23.44 -18.84 8.32
C ILE A 144 -24.06 -20.14 7.83
N PRO A 145 -23.58 -21.29 8.28
CA PRO A 145 -24.18 -22.57 7.87
C PRO A 145 -25.54 -22.76 8.53
N LYS A 146 -26.55 -23.04 7.70
CA LYS A 146 -27.91 -23.20 8.22
C LYS A 146 -28.05 -24.46 9.06
N HIS A 147 -27.29 -25.51 8.76
CA HIS A 147 -27.47 -26.79 9.45
C HIS A 147 -27.02 -26.75 10.90
N CYS A 148 -26.21 -25.76 11.29
CA CYS A 148 -25.74 -25.65 12.67
C CYS A 148 -26.76 -24.98 13.60
N PHE A 149 -28.00 -24.81 13.17
CA PHE A 149 -28.97 -24.04 13.93
C PHE A 149 -30.32 -24.72 14.10
N ASN A 150 -30.53 -25.91 13.51
CA ASN A 150 -31.87 -26.49 13.44
C ASN A 150 -32.46 -26.70 14.83
N GLY A 151 -31.78 -27.49 15.67
CA GLY A 151 -32.26 -27.74 17.00
C GLY A 151 -32.02 -26.63 17.99
N LYS A 152 -31.64 -25.44 17.54
CA LYS A 152 -31.28 -24.34 18.41
C LYS A 152 -32.09 -23.09 18.06
N ASP A 153 -32.10 -22.14 18.98
CA ASP A 153 -32.58 -20.79 18.72
C ASP A 153 -31.36 -19.89 18.54
N ILE A 154 -31.36 -19.11 17.45
CA ILE A 154 -30.14 -18.52 16.91
C ILE A 154 -29.47 -17.53 17.87
N ASN A 155 -30.23 -16.97 18.81
CA ASN A 155 -29.65 -15.94 19.68
C ASN A 155 -28.70 -16.57 20.70
N THR A 156 -29.12 -17.67 21.34
CA THR A 156 -28.33 -18.32 22.37
C THR A 156 -27.71 -19.63 21.89
N ALA A 157 -27.51 -19.78 20.58
CA ALA A 157 -26.95 -21.02 20.06
C ALA A 157 -25.47 -21.14 20.42
N GLU A 158 -25.00 -22.39 20.46
CA GLU A 158 -23.57 -22.64 20.68
C GLU A 158 -22.72 -22.18 19.51
N PHE A 159 -23.33 -21.87 18.36
CA PHE A 159 -22.58 -21.32 17.24
C PHE A 159 -21.88 -20.02 17.62
N ASN A 160 -22.51 -19.21 18.47
CA ASN A 160 -21.92 -17.96 18.90
C ASN A 160 -20.67 -18.17 19.75
N GLN A 161 -20.50 -19.36 20.32
CA GLN A 161 -19.29 -19.69 21.06
C GLN A 161 -18.25 -20.38 20.19
N LYS A 162 -18.68 -21.34 19.37
CA LYS A 162 -17.82 -21.99 18.37
C LYS A 162 -18.41 -21.68 17.00
N PRO A 163 -17.93 -20.64 16.32
CA PRO A 163 -18.45 -20.33 15.00
C PRO A 163 -17.88 -21.24 13.92
N ILE A 164 -18.66 -21.38 12.85
CA ILE A 164 -18.24 -22.08 11.65
C ILE A 164 -18.54 -21.17 10.47
N GLY A 165 -17.53 -20.92 9.64
CA GLY A 165 -17.70 -19.99 8.53
C GLY A 165 -16.91 -20.38 7.31
N THR A 166 -16.73 -19.43 6.39
CA THR A 166 -16.01 -19.64 5.15
C THR A 166 -14.76 -18.77 5.06
N GLY A 167 -14.28 -18.27 6.19
CA GLY A 167 -13.13 -17.39 6.19
C GLY A 167 -11.82 -18.16 6.17
N PRO A 168 -10.73 -17.42 5.94
CA PRO A 168 -9.41 -18.07 5.84
C PRO A 168 -8.88 -18.60 7.16
N PHE A 169 -9.53 -18.31 8.28
CA PHE A 169 -9.09 -18.76 9.60
C PHE A 169 -10.29 -19.36 10.33
N LYS A 170 -10.23 -20.67 10.57
CA LYS A 170 -11.30 -21.34 11.29
C LYS A 170 -11.17 -21.13 12.79
N PHE A 171 -12.30 -21.20 13.49
CA PHE A 171 -12.28 -21.04 14.93
C PHE A 171 -11.69 -22.27 15.59
N VAL A 172 -10.98 -22.05 16.70
CA VAL A 172 -10.31 -23.12 17.42
C VAL A 172 -10.70 -23.06 18.89
N LYS A 173 -10.31 -21.99 19.58
CA LYS A 173 -10.49 -21.88 21.02
C LYS A 173 -10.84 -20.44 21.39
N TRP A 174 -11.60 -20.30 22.47
CA TRP A 174 -11.92 -18.98 23.03
C TRP A 174 -11.82 -19.07 24.55
N ASP A 175 -10.84 -18.38 25.13
CA ASP A 175 -10.76 -18.18 26.57
C ASP A 175 -11.36 -16.82 26.88
N LYS A 176 -12.48 -16.83 27.61
CA LYS A 176 -13.19 -15.60 27.92
C LYS A 176 -12.28 -14.63 28.68
N GLY A 177 -12.26 -13.37 28.25
CA GLY A 177 -11.42 -12.37 28.85
C GLY A 177 -9.96 -12.44 28.48
N ASN A 178 -9.55 -13.44 27.68
CA ASN A 178 -8.14 -13.61 27.35
C ASN A 178 -7.89 -13.57 25.85
N ASN A 179 -8.18 -14.65 25.15
CA ASN A 179 -7.77 -14.77 23.75
C ASN A 179 -8.80 -15.55 22.95
N ILE A 180 -8.77 -15.35 21.64
CA ILE A 180 -9.51 -16.14 20.66
C ILE A 180 -8.49 -16.76 19.71
N THR A 181 -8.60 -18.06 19.47
CA THR A 181 -7.60 -18.80 18.72
C THR A 181 -8.17 -19.23 17.37
N LEU A 182 -7.44 -18.91 16.30
CA LEU A 182 -7.76 -19.34 14.95
C LEU A 182 -6.51 -19.85 14.26
N THR A 183 -6.70 -20.73 13.27
CA THR A 183 -5.60 -21.25 12.47
C THR A 183 -5.99 -21.21 11.00
N LYS A 184 -4.97 -21.33 10.14
CA LYS A 184 -5.17 -21.19 8.70
C LYS A 184 -6.10 -22.28 8.16
N PHE A 185 -7.16 -21.84 7.49
CA PHE A 185 -8.10 -22.76 6.86
C PHE A 185 -7.52 -23.20 5.52
N LYS A 186 -7.08 -24.46 5.45
CA LYS A 186 -6.37 -24.94 4.28
C LYS A 186 -7.25 -24.98 3.04
N ASP A 187 -8.55 -25.25 3.20
CA ASP A 187 -9.46 -25.34 2.08
C ASP A 187 -10.07 -24.01 1.68
N TYR A 188 -9.53 -22.90 2.19
CA TYR A 188 -10.03 -21.59 1.84
C TYR A 188 -9.77 -21.30 0.37
N TYR A 189 -10.73 -20.63 -0.28
CA TYR A 189 -10.66 -20.42 -1.71
C TYR A 189 -9.69 -19.30 -2.10
N GLY A 190 -9.49 -18.33 -1.22
CA GLY A 190 -8.60 -17.23 -1.54
C GLY A 190 -7.14 -17.59 -1.39
N LYS A 191 -6.31 -16.97 -2.21
CA LYS A 191 -4.87 -17.16 -2.14
C LYS A 191 -4.29 -16.39 -0.96
N THR A 192 -3.36 -17.02 -0.24
CA THR A 192 -3.08 -16.66 1.14
C THR A 192 -1.58 -16.49 1.35
N GLY A 193 -1.23 -15.68 2.35
CA GLY A 193 0.14 -15.59 2.83
C GLY A 193 0.59 -16.84 3.57
N ASN A 194 1.51 -16.69 4.53
CA ASN A 194 2.16 -17.84 5.13
C ASN A 194 1.88 -18.05 6.61
N ILE A 195 1.16 -17.15 7.29
CA ILE A 195 0.93 -17.34 8.72
C ILE A 195 -0.08 -18.46 8.93
N GLU A 196 0.16 -19.29 9.94
CA GLU A 196 -0.64 -20.48 10.18
C GLU A 196 -1.53 -20.37 11.41
N LYS A 197 -1.34 -19.33 12.23
CA LYS A 197 -2.09 -19.22 13.48
C LYS A 197 -2.34 -17.74 13.76
N PHE A 198 -3.55 -17.42 14.19
CA PHE A 198 -3.96 -16.05 14.50
C PHE A 198 -4.61 -16.05 15.87
N VAL A 199 -3.95 -15.40 16.84
CA VAL A 199 -4.45 -15.28 18.20
C VAL A 199 -4.77 -13.82 18.47
N VAL A 200 -5.99 -13.56 18.93
CA VAL A 200 -6.46 -12.23 19.25
C VAL A 200 -6.50 -12.09 20.77
N LYS A 201 -5.55 -11.35 21.32
CA LYS A 201 -5.50 -11.10 22.76
C LYS A 201 -6.30 -9.84 23.08
N PHE A 202 -7.16 -9.94 24.09
CA PHE A 202 -8.03 -8.83 24.49
C PHE A 202 -7.31 -8.03 25.58
N ILE A 203 -6.71 -6.91 25.19
CA ILE A 203 -5.98 -6.05 26.10
C ILE A 203 -6.58 -4.66 26.02
N ALA A 204 -7.31 -4.26 27.07
CA ALA A 204 -7.98 -2.96 27.06
C ALA A 204 -7.03 -1.83 27.43
N ASP A 205 -6.08 -2.07 28.32
CA ASP A 205 -5.12 -1.04 28.73
C ASP A 205 -4.07 -0.87 27.65
N TYR A 206 -4.01 0.32 27.05
CA TYR A 206 -3.07 0.58 25.97
C TYR A 206 -1.63 0.62 26.43
N ASN A 207 -1.38 0.64 27.74
CA ASN A 207 0.00 0.57 28.24
C ASN A 207 0.55 -0.84 28.12
N VAL A 208 -0.27 -1.85 28.39
CA VAL A 208 0.18 -3.23 28.25
C VAL A 208 0.46 -3.54 26.80
N ARG A 209 -0.39 -3.07 25.88
CA ARG A 209 -0.16 -3.28 24.46
C ARG A 209 1.19 -2.70 24.03
N ALA A 210 1.56 -1.54 24.59
CA ALA A 210 2.82 -0.92 24.23
C ALA A 210 4.01 -1.76 24.67
N MET A 211 3.95 -2.33 25.88
CA MET A 211 5.03 -3.18 26.35
C MET A 211 5.01 -4.54 25.68
N GLN A 212 3.83 -5.09 25.43
CA GLN A 212 3.75 -6.35 24.70
C GLN A 212 4.20 -6.19 23.25
N LEU A 213 4.08 -4.98 22.71
CA LEU A 213 4.74 -4.66 21.44
C LEU A 213 6.23 -4.47 21.61
N GLN A 214 6.64 -3.90 22.75
CA GLN A 214 8.08 -3.70 23.02
C GLN A 214 8.78 -5.04 23.19
N THR A 215 8.30 -5.87 24.12
CA THR A 215 8.82 -7.23 24.24
C THR A 215 8.59 -8.03 22.97
N GLY A 216 7.56 -7.67 22.21
CA GLY A 216 7.18 -8.46 21.05
C GLY A 216 6.16 -9.53 21.33
N GLU A 217 5.48 -9.48 22.48
CA GLU A 217 4.47 -10.48 22.80
C GLU A 217 3.24 -10.37 21.89
N ILE A 218 3.01 -9.19 21.30
CA ILE A 218 1.96 -9.00 20.32
C ILE A 218 2.58 -8.35 19.09
N ASP A 219 1.94 -8.55 17.94
CA ASP A 219 2.43 -8.02 16.67
C ASP A 219 1.77 -6.69 16.30
N VAL A 220 0.44 -6.60 16.44
CA VAL A 220 -0.30 -5.41 16.07
C VAL A 220 -1.06 -4.90 17.29
N ALA A 221 -1.27 -3.59 17.33
CA ALA A 221 -2.01 -2.96 18.43
C ALA A 221 -2.45 -1.57 18.00
N TYR A 222 -3.72 -1.25 18.26
CA TYR A 222 -4.25 0.08 17.99
C TYR A 222 -3.70 1.05 19.04
N LEU A 223 -2.96 2.05 18.59
CA LEU A 223 -2.23 2.95 19.49
C LEU A 223 -2.98 4.24 19.71
N GLU A 224 -3.03 4.69 20.96
CA GLU A 224 -3.53 6.02 21.25
C GLU A 224 -2.48 7.05 20.87
N PRO A 225 -2.90 8.29 20.56
CA PRO A 225 -1.93 9.28 20.06
C PRO A 225 -0.79 9.58 21.01
N SER A 226 -1.01 9.48 22.32
CA SER A 226 0.01 9.90 23.28
C SER A 226 1.23 9.00 23.30
N GLN A 227 1.12 7.75 22.84
CA GLN A 227 2.19 6.77 22.97
C GLN A 227 2.93 6.51 21.67
N VAL A 228 2.62 7.24 20.60
CA VAL A 228 3.30 7.00 19.33
C VAL A 228 4.75 7.47 19.40
N SER A 229 5.04 8.51 20.20
CA SER A 229 6.40 9.04 20.28
C SER A 229 7.39 8.01 20.81
N LYS A 230 6.91 7.06 21.63
CA LYS A 230 7.79 6.04 22.18
C LYS A 230 7.85 4.80 21.30
N ILE A 231 6.70 4.36 20.76
CA ILE A 231 6.68 3.25 19.82
C ILE A 231 7.46 3.58 18.56
N GLU A 232 7.62 4.87 18.25
CA GLU A 232 8.49 5.27 17.15
C GLU A 232 9.93 4.84 17.40
N LYS A 233 10.42 5.08 18.61
CA LYS A 233 11.81 4.75 18.94
C LYS A 233 12.06 3.24 19.00
N LEU A 234 11.03 2.42 18.94
CA LEU A 234 11.20 0.97 19.00
C LEU A 234 11.79 0.45 17.70
N ASN A 235 12.92 -0.25 17.80
CA ASN A 235 13.59 -0.78 16.62
C ASN A 235 12.87 -1.97 16.02
N ASN A 236 11.91 -2.57 16.73
CA ASN A 236 11.23 -3.77 16.28
C ASN A 236 9.78 -3.54 15.91
N VAL A 237 9.31 -2.29 15.93
CA VAL A 237 7.91 -1.97 15.65
C VAL A 237 7.85 -0.84 14.64
N LYS A 238 6.96 -1.00 13.65
CA LYS A 238 6.63 0.06 12.72
C LYS A 238 5.27 0.65 13.09
N VAL A 239 5.14 1.97 12.98
CA VAL A 239 3.91 2.67 13.33
C VAL A 239 3.19 3.06 12.05
N TYR A 240 1.94 2.62 11.93
CA TYR A 240 1.10 2.93 10.78
C TYR A 240 0.15 4.06 11.13
N LYS A 241 0.22 5.15 10.38
CA LYS A 241 -0.70 6.28 10.52
C LYS A 241 -1.50 6.39 9.23
N VAL A 242 -2.78 6.04 9.29
CA VAL A 242 -3.63 5.97 8.11
C VAL A 242 -4.94 6.70 8.39
N ASP A 243 -5.50 7.28 7.32
CA ASP A 243 -6.73 8.04 7.45
C ASP A 243 -7.93 7.12 7.67
N THR A 244 -8.89 7.61 8.46
CA THR A 244 -10.13 6.89 8.73
C THR A 244 -11.31 7.80 8.45
N ALA A 245 -12.49 7.19 8.41
CA ALA A 245 -13.75 7.93 8.38
C ALA A 245 -14.36 8.10 9.75
N ASP A 246 -13.66 7.65 10.81
CA ASP A 246 -14.17 7.77 12.16
C ASP A 246 -14.06 9.21 12.64
N TYR A 247 -15.16 9.76 13.14
CA TYR A 247 -15.18 11.11 13.67
C TYR A 247 -15.92 11.13 15.00
N ARG A 248 -15.64 12.16 15.79
CA ARG A 248 -16.33 12.42 17.04
C ARG A 248 -17.04 13.77 16.94
N CYS A 249 -18.11 13.91 17.71
CA CYS A 249 -18.96 15.09 17.62
C CYS A 249 -19.74 15.23 18.94
N MET A 250 -20.66 16.18 18.98
CA MET A 250 -21.57 16.34 20.11
C MET A 250 -23.00 16.25 19.60
N MET A 251 -23.80 15.41 20.23
CA MET A 251 -25.17 15.17 19.80
C MET A 251 -26.09 16.23 20.39
N TYR A 252 -26.80 16.95 19.53
CA TYR A 252 -27.81 17.91 19.95
C TYR A 252 -29.12 17.16 20.11
N ASN A 253 -29.49 16.85 21.35
CA ASN A 253 -30.76 16.18 21.62
C ASN A 253 -31.90 17.16 21.34
N MET A 254 -32.65 16.90 20.28
CA MET A 254 -33.74 17.79 19.90
C MET A 254 -34.86 17.83 20.93
N LYS A 255 -34.92 16.85 21.84
CA LYS A 255 -35.90 16.87 22.91
C LYS A 255 -35.66 18.01 23.90
N LYS A 256 -34.49 18.65 23.83
CA LYS A 256 -34.14 19.75 24.72
C LYS A 256 -34.47 21.07 24.02
N ASP A 257 -35.34 21.87 24.64
CA ASP A 257 -35.70 23.17 24.08
C ASP A 257 -34.53 24.14 24.05
N ILE A 258 -33.42 23.81 24.70
CA ILE A 258 -32.22 24.64 24.65
C ILE A 258 -31.61 24.65 23.25
N TRP A 259 -31.94 23.66 22.42
CA TRP A 259 -31.37 23.55 21.09
C TRP A 259 -32.41 23.61 19.98
N LYS A 260 -33.67 23.93 20.30
CA LYS A 260 -34.67 24.04 19.24
C LYS A 260 -34.43 25.26 18.36
N ASP A 261 -33.81 26.30 18.90
CA ASP A 261 -33.38 27.43 18.09
C ASP A 261 -32.07 27.06 17.39
N VAL A 262 -32.08 27.08 16.06
CA VAL A 262 -30.91 26.65 15.31
C VAL A 262 -29.73 27.59 15.54
N ASN A 263 -30.00 28.86 15.86
CA ASN A 263 -28.92 29.81 16.10
C ASN A 263 -28.12 29.45 17.35
N VAL A 264 -28.75 28.78 18.32
CA VAL A 264 -28.02 28.31 19.49
C VAL A 264 -27.03 27.22 19.11
N ARG A 265 -27.47 26.28 18.27
CA ARG A 265 -26.57 25.22 17.82
C ARG A 265 -25.45 25.76 16.95
N LYS A 266 -25.77 26.64 16.00
CA LYS A 266 -24.74 27.27 15.18
C LYS A 266 -23.76 28.04 16.06
N ALA A 267 -24.25 28.66 17.13
CA ALA A 267 -23.36 29.36 18.05
C ALA A 267 -22.43 28.39 18.76
N PHE A 268 -22.99 27.31 19.32
CA PHE A 268 -22.15 26.33 20.01
C PHE A 268 -21.15 25.68 19.06
N ASN A 269 -21.52 25.55 17.79
CA ASN A 269 -20.56 25.06 16.80
C ASN A 269 -19.45 26.08 16.56
N TYR A 270 -19.75 27.38 16.72
CA TYR A 270 -18.76 28.42 16.50
C TYR A 270 -17.74 28.53 17.63
N ALA A 271 -17.97 27.86 18.76
CA ALA A 271 -17.16 28.06 19.96
C ALA A 271 -16.14 26.95 20.18
N LEU A 272 -15.69 26.30 19.10
CA LEU A 272 -14.78 25.17 19.20
C LEU A 272 -13.53 25.42 18.37
N ASP A 273 -12.36 25.23 18.98
CA ASP A 273 -11.08 25.29 18.29
C ASP A 273 -10.73 23.87 17.88
N ARG A 274 -11.22 23.45 16.70
CA ARG A 274 -11.06 22.07 16.28
C ARG A 274 -9.60 21.75 15.95
N LYS A 275 -8.87 22.69 15.37
CA LYS A 275 -7.45 22.47 15.12
C LYS A 275 -6.66 22.44 16.42
N GLY A 276 -7.01 23.31 17.36
CA GLY A 276 -6.44 23.20 18.69
C GLY A 276 -6.77 21.88 19.36
N MET A 277 -7.89 21.27 18.96
CA MET A 277 -8.21 19.91 19.40
C MET A 277 -7.39 18.88 18.64
N VAL A 278 -7.04 19.15 17.38
CA VAL A 278 -6.17 18.26 16.62
C VAL A 278 -4.78 18.21 17.26
N ASP A 279 -4.35 19.31 17.88
CA ASP A 279 -3.05 19.34 18.53
C ASP A 279 -3.12 19.00 20.02
N GLY A 280 -4.18 19.40 20.70
CA GLY A 280 -4.26 19.11 22.13
C GLY A 280 -4.45 17.64 22.42
N ILE A 281 -5.42 17.01 21.77
CA ILE A 281 -5.76 15.62 22.03
C ILE A 281 -5.18 14.68 20.98
N LEU A 282 -5.31 15.02 19.70
CA LEU A 282 -4.82 14.16 18.64
C LEU A 282 -3.34 14.37 18.35
N LEU A 283 -2.79 15.53 18.72
CA LEU A 283 -1.37 15.84 18.49
C LEU A 283 -1.02 15.78 17.01
N GLY A 284 -1.92 16.29 16.16
CA GLY A 284 -1.72 16.33 14.74
C GLY A 284 -2.17 15.11 13.99
N TYR A 285 -2.45 14.01 14.69
CA TYR A 285 -2.93 12.78 14.05
C TYR A 285 -4.44 12.84 13.84
N GLY A 286 -4.85 13.80 13.04
CA GLY A 286 -6.26 13.99 12.76
C GLY A 286 -6.50 15.25 11.96
N SER A 287 -7.78 15.59 11.82
CA SER A 287 -8.18 16.76 11.04
C SER A 287 -9.53 17.26 11.55
N GLU A 288 -9.71 18.58 11.50
CA GLU A 288 -10.96 19.18 11.95
C GLU A 288 -12.14 18.65 11.16
N ALA A 289 -13.22 18.35 11.87
CA ALA A 289 -14.41 17.75 11.28
C ALA A 289 -15.45 18.81 10.96
N TYR A 290 -16.08 18.67 9.79
CA TYR A 290 -17.17 19.56 9.40
C TYR A 290 -18.27 18.86 8.61
N SER A 291 -18.08 17.62 8.19
CA SER A 291 -19.00 16.94 7.31
C SER A 291 -19.29 15.53 7.83
N PRO A 292 -20.53 15.05 7.65
CA PRO A 292 -20.82 13.65 7.99
C PRO A 292 -20.23 12.65 7.01
N LEU A 293 -19.78 13.10 5.85
CA LEU A 293 -19.18 12.26 4.82
C LEU A 293 -17.90 12.91 4.29
N GLN A 294 -17.10 13.47 5.20
CA GLN A 294 -15.93 14.24 4.81
C GLN A 294 -14.94 13.41 3.99
N ILE A 295 -14.63 12.21 4.48
CA ILE A 295 -13.69 11.35 3.75
C ILE A 295 -14.36 10.66 2.57
N ASN A 296 -15.69 10.55 2.56
CA ASN A 296 -16.39 9.93 1.46
C ASN A 296 -16.19 10.74 0.17
N LYS A 297 -16.35 10.06 -0.96
CA LYS A 297 -16.20 10.73 -2.25
C LYS A 297 -17.36 11.66 -2.55
N PHE A 298 -18.49 11.52 -1.86
CA PHE A 298 -19.65 12.39 -2.05
C PHE A 298 -19.65 13.57 -1.08
N ASN A 299 -18.49 13.94 -0.56
CA ASN A 299 -18.40 15.05 0.38
C ASN A 299 -18.69 16.37 -0.32
N ASN A 300 -19.34 17.28 0.40
CA ASN A 300 -19.53 18.64 -0.07
C ASN A 300 -18.44 19.52 0.52
N PRO A 301 -17.46 19.98 -0.27
CA PRO A 301 -16.35 20.73 0.31
C PRO A 301 -16.72 22.13 0.78
N ASP A 302 -17.81 22.70 0.27
CA ASP A 302 -18.11 24.11 0.58
C ASP A 302 -19.43 24.28 1.31
N VAL A 303 -19.59 23.59 2.44
CA VAL A 303 -20.71 23.83 3.34
C VAL A 303 -20.25 24.77 4.44
N GLU A 304 -21.20 25.22 5.25
CA GLU A 304 -20.90 26.20 6.29
C GLU A 304 -20.22 25.49 7.46
N LYS A 305 -18.89 25.54 7.49
CA LYS A 305 -18.13 25.11 8.64
C LYS A 305 -18.05 26.25 9.66
N TYR A 306 -18.05 25.89 10.94
CA TYR A 306 -18.11 26.86 12.03
C TYR A 306 -16.69 27.12 12.51
N SER A 307 -16.15 28.25 12.09
CA SER A 307 -14.72 28.50 11.95
C SER A 307 -14.02 28.94 13.23
N TYR A 308 -14.46 28.41 14.36
CA TYR A 308 -14.02 28.92 15.66
C TYR A 308 -14.21 30.43 15.70
N ASN A 309 -15.45 30.87 15.86
CA ASN A 309 -15.79 32.29 15.96
C ASN A 309 -16.32 32.53 17.37
N LEU A 310 -15.38 32.72 18.31
CA LEU A 310 -15.76 32.95 19.71
C LEU A 310 -16.73 34.12 19.83
N ASP A 311 -16.54 35.14 18.99
CA ASP A 311 -17.40 36.32 19.09
C ASP A 311 -18.75 36.11 18.43
N LYS A 312 -18.84 35.23 17.42
CA LYS A 312 -20.14 34.95 16.81
C LYS A 312 -21.00 34.10 17.73
N SER A 313 -20.39 33.17 18.48
CA SER A 313 -21.14 32.38 19.45
C SER A 313 -21.71 33.27 20.54
N ASN A 314 -20.90 34.19 21.06
CA ASN A 314 -21.39 35.16 22.02
C ASN A 314 -22.29 36.20 21.39
N SER A 315 -22.24 36.36 20.06
CA SER A 315 -23.12 37.27 19.34
C SER A 315 -24.23 36.52 18.59
N LEU A 316 -24.64 35.35 19.10
CA LEU A 316 -25.79 34.64 18.58
C LEU A 316 -26.74 34.25 19.70
N LEU A 317 -26.20 34.02 20.90
CA LEU A 317 -27.03 33.61 22.03
C LEU A 317 -27.89 34.76 22.53
N GLU A 318 -27.34 35.97 22.58
CA GLU A 318 -28.08 37.12 23.10
C GLU A 318 -29.28 37.45 22.20
N SER A 319 -29.13 37.30 20.88
CA SER A 319 -30.26 37.44 19.99
C SER A 319 -31.19 36.23 20.09
N ALA A 320 -30.62 35.03 20.17
CA ALA A 320 -31.40 33.85 20.54
C ALA A 320 -32.04 34.01 21.90
N GLY A 321 -31.50 34.90 22.75
CA GLY A 321 -32.14 35.26 24.00
C GLY A 321 -31.26 35.08 25.22
N TRP A 322 -30.08 34.49 25.05
CA TRP A 322 -29.26 34.04 26.17
C TRP A 322 -28.19 35.08 26.49
N LYS A 323 -28.20 35.59 27.72
CA LYS A 323 -27.33 36.70 28.07
C LYS A 323 -27.02 36.72 29.57
N LYS A 324 -25.76 36.96 29.90
CA LYS A 324 -25.31 37.43 31.20
C LYS A 324 -23.80 37.61 31.13
N GLY A 325 -23.25 38.28 32.14
CA GLY A 325 -21.83 38.57 32.19
C GLY A 325 -21.53 39.98 32.70
N ARG A 330 -26.19 33.70 29.34
CA ARG A 330 -26.23 32.63 30.34
C ARG A 330 -27.66 32.37 30.80
N VAL A 331 -28.56 33.30 30.49
CA VAL A 331 -29.98 33.18 30.84
C VAL A 331 -30.81 33.72 29.68
N LYS A 332 -31.96 33.08 29.43
CA LYS A 332 -32.93 33.65 28.50
C LYS A 332 -34.22 34.02 29.21
N ASP A 333 -35.09 33.05 29.43
CA ASP A 333 -36.37 33.25 30.11
C ASP A 333 -36.34 32.64 31.50
N GLY A 334 -35.22 32.76 32.19
CA GLY A 334 -35.07 32.24 33.53
C GLY A 334 -34.68 30.78 33.61
N LYS A 335 -34.30 30.16 32.50
CA LYS A 335 -34.01 28.75 32.47
C LYS A 335 -32.52 28.43 32.52
N LYS A 336 -31.66 29.45 32.41
CA LYS A 336 -30.27 29.48 32.88
C LYS A 336 -29.23 28.80 32.00
N LEU A 337 -29.56 28.34 30.79
CA LEU A 337 -28.60 27.80 29.83
C LEU A 337 -27.52 26.87 30.37
N GLU A 338 -27.91 25.69 30.83
CA GLU A 338 -26.94 24.69 31.26
C GLU A 338 -27.45 23.29 30.96
N PHE A 339 -26.53 22.40 30.61
CA PHE A 339 -26.88 21.04 30.26
C PHE A 339 -25.75 20.13 30.72
N THR A 340 -25.89 18.83 30.38
CA THR A 340 -24.92 17.82 30.77
C THR A 340 -24.44 17.10 29.52
N LEU A 341 -23.12 17.01 29.37
CA LEU A 341 -22.51 16.33 28.23
C LEU A 341 -22.03 14.96 28.67
N THR A 342 -22.52 13.91 28.00
CA THR A 342 -22.17 12.55 28.33
C THR A 342 -21.09 12.04 27.39
N ALA A 343 -20.09 11.36 27.96
CA ALA A 343 -18.99 10.79 27.19
C ALA A 343 -18.51 9.50 27.85
N PRO A 344 -18.61 8.36 27.17
CA PRO A 344 -18.23 7.09 27.79
C PRO A 344 -16.72 6.97 27.96
N LYS A 345 -16.34 6.02 28.80
CA LYS A 345 -14.94 5.72 29.05
C LYS A 345 -14.44 4.70 28.04
N THR A 346 -13.27 4.10 28.29
CA THR A 346 -12.57 3.18 27.40
C THR A 346 -12.35 3.77 26.00
N ASP A 347 -12.70 5.04 25.82
CA ASP A 347 -12.36 5.84 24.64
C ASP A 347 -11.93 7.20 25.19
N GLU A 348 -10.83 7.20 25.93
CA GLU A 348 -10.41 8.35 26.72
C GLU A 348 -10.15 9.59 25.89
N VAL A 349 -10.12 9.47 24.56
CA VAL A 349 -10.10 10.66 23.71
C VAL A 349 -11.42 11.40 23.82
N ARG A 350 -12.52 10.67 23.99
CA ARG A 350 -13.84 11.28 24.00
C ARG A 350 -14.06 12.13 25.25
N VAL A 351 -13.70 11.58 26.42
CA VAL A 351 -13.88 12.35 27.65
C VAL A 351 -12.92 13.53 27.69
N LYS A 352 -11.73 13.38 27.10
CA LYS A 352 -10.84 14.53 26.94
C LYS A 352 -11.43 15.55 25.98
N MET A 353 -12.15 15.08 24.96
CA MET A 353 -12.88 16.01 24.10
C MET A 353 -14.02 16.67 24.88
N ALA A 354 -14.80 15.89 25.63
CA ALA A 354 -15.86 16.45 26.44
C ALA A 354 -15.32 17.45 27.44
N GLU A 355 -14.21 17.12 28.10
CA GLU A 355 -13.55 18.08 28.98
C GLU A 355 -13.18 19.35 28.22
N TYR A 356 -12.70 19.20 26.99
CA TYR A 356 -12.38 20.36 26.16
C TYR A 356 -13.64 21.02 25.64
N PHE A 357 -14.67 20.24 25.33
CA PHE A 357 -15.94 20.80 24.87
C PHE A 357 -16.53 21.74 25.91
N ALA A 358 -16.71 21.23 27.14
CA ALA A 358 -17.39 22.01 28.17
C ALA A 358 -16.57 23.23 28.59
N SER A 359 -15.26 23.06 28.77
CA SER A 359 -14.43 24.17 29.20
C SER A 359 -14.36 25.26 28.14
N GLN A 360 -14.47 24.90 26.86
CA GLN A 360 -14.48 25.89 25.80
C GLN A 360 -15.85 26.52 25.61
N PHE A 361 -16.91 25.86 26.07
CA PHE A 361 -18.24 26.47 26.11
C PHE A 361 -18.43 27.37 27.33
N LYS A 362 -17.43 27.44 28.22
CA LYS A 362 -17.50 28.37 29.34
C LYS A 362 -17.29 29.80 28.90
N LYS A 363 -16.48 30.01 27.86
CA LYS A 363 -16.21 31.35 27.34
C LYS A 363 -17.43 31.99 26.70
N ILE A 364 -18.50 31.23 26.49
CA ILE A 364 -19.75 31.77 25.94
C ILE A 364 -20.86 31.78 26.99
N GLY A 365 -20.53 31.46 28.24
CA GLY A 365 -21.49 31.57 29.32
C GLY A 365 -22.33 30.35 29.57
N ALA A 366 -21.83 29.16 29.26
CA ALA A 366 -22.57 27.92 29.45
C ALA A 366 -21.88 27.06 30.51
N GLU A 367 -22.67 26.47 31.40
CA GLU A 367 -22.16 25.62 32.47
C GLU A 367 -22.57 24.18 32.16
N VAL A 368 -21.61 23.40 31.68
CA VAL A 368 -21.84 22.01 31.28
C VAL A 368 -21.19 21.10 32.31
N LYS A 369 -21.90 20.01 32.63
CA LYS A 369 -21.40 19.00 33.56
C LYS A 369 -21.01 17.76 32.74
N VAL A 370 -19.72 17.51 32.64
CA VAL A 370 -19.22 16.38 31.86
C VAL A 370 -19.26 15.13 32.72
N ASP A 371 -19.77 14.03 32.16
CA ASP A 371 -19.92 12.78 32.88
C ASP A 371 -19.22 11.67 32.12
N ALA A 372 -18.20 11.08 32.74
CA ALA A 372 -17.48 9.93 32.18
C ALA A 372 -18.10 8.66 32.77
N LEU A 373 -18.98 8.02 32.00
CA LEU A 373 -19.76 6.89 32.49
C LEU A 373 -19.46 5.64 31.68
N ASP A 374 -19.99 4.52 32.18
CA ASP A 374 -19.87 3.23 31.50
C ASP A 374 -21.04 3.02 30.57
N TRP A 375 -20.79 2.35 29.44
CA TRP A 375 -21.81 2.19 28.41
C TRP A 375 -23.04 1.46 28.93
N ASP A 376 -22.89 0.62 29.94
CA ASP A 376 -24.02 -0.08 30.53
C ASP A 376 -24.83 0.80 31.46
N ALA A 377 -24.50 2.08 31.58
CA ALA A 377 -25.27 3.03 32.37
C ALA A 377 -25.76 4.23 31.56
N ILE A 378 -25.33 4.37 30.30
CA ILE A 378 -25.67 5.52 29.48
C ILE A 378 -26.86 5.17 28.58
N LYS A 379 -27.79 6.12 28.47
CA LYS A 379 -28.88 6.05 27.50
C LYS A 379 -28.83 7.35 26.71
N ILE A 380 -28.43 7.26 25.44
CA ILE A 380 -28.09 8.45 24.65
C ILE A 380 -29.31 9.36 24.49
N ASP A 381 -30.47 8.79 24.19
CA ASP A 381 -31.66 9.59 23.93
C ASP A 381 -32.17 10.30 25.18
N LYS A 382 -31.59 10.03 26.35
CA LYS A 382 -31.96 10.71 27.59
C LYS A 382 -31.00 11.83 27.97
N CYS A 383 -29.82 11.86 27.37
CA CYS A 383 -28.82 12.87 27.70
C CYS A 383 -29.10 14.19 26.98
N ASP A 384 -28.73 15.29 27.63
CA ASP A 384 -28.78 16.59 26.97
C ASP A 384 -27.90 16.59 25.72
N ALA A 385 -26.63 16.25 25.88
CA ALA A 385 -25.69 16.15 24.77
C ALA A 385 -24.81 14.93 24.97
N PHE A 386 -24.54 14.22 23.88
CA PHE A 386 -23.72 13.02 23.92
C PHE A 386 -22.58 13.16 22.91
N LEU A 387 -21.42 12.64 23.26
CA LEU A 387 -20.25 12.66 22.38
C LEU A 387 -20.27 11.37 21.56
N LEU A 388 -20.69 11.48 20.31
CA LEU A 388 -20.86 10.32 19.44
C LEU A 388 -19.56 9.98 18.72
N GLY A 389 -19.49 8.75 18.23
CA GLY A 389 -18.38 8.30 17.42
C GLY A 389 -18.87 7.56 16.20
N TRP A 390 -19.04 8.27 15.08
CA TRP A 390 -19.58 7.67 13.87
C TRP A 390 -18.68 7.91 12.67
N GLY A 391 -19.19 7.61 11.48
CA GLY A 391 -18.42 7.73 10.26
C GLY A 391 -18.00 6.39 9.71
N SER A 392 -18.19 6.18 8.40
CA SER A 392 -17.86 4.92 7.76
C SER A 392 -17.26 5.20 6.39
N PRO A 393 -16.23 4.47 6.00
CA PRO A 393 -15.56 4.68 4.70
C PRO A 393 -16.23 3.99 3.52
N PHE A 394 -17.43 3.43 3.68
CA PHE A 394 -18.11 2.75 2.58
C PHE A 394 -19.11 3.69 1.93
N ASP A 395 -20.29 3.18 1.58
CA ASP A 395 -21.26 4.00 0.88
C ASP A 395 -21.77 5.14 1.75
N ALA A 396 -22.16 6.23 1.10
CA ALA A 396 -22.60 7.43 1.81
C ALA A 396 -23.93 7.24 2.53
N ASP A 397 -24.63 6.13 2.32
CA ASP A 397 -25.87 5.85 3.01
C ASP A 397 -25.66 5.11 4.33
N ASP A 398 -24.47 4.55 4.55
CA ASP A 398 -24.17 3.76 5.74
C ASP A 398 -24.42 4.56 7.02
N HIS A 399 -23.61 5.59 7.25
CA HIS A 399 -23.71 6.37 8.48
C HIS A 399 -24.33 7.74 8.24
N THR A 400 -25.46 7.78 7.55
CA THR A 400 -26.15 9.05 7.31
C THR A 400 -27.65 8.89 7.45
N PHE A 401 -28.21 7.87 6.79
CA PHE A 401 -29.65 7.65 6.86
C PHE A 401 -30.09 7.33 8.28
N ARG A 402 -29.41 6.38 8.92
CA ARG A 402 -29.74 5.99 10.28
C ARG A 402 -29.21 6.97 11.33
N LEU A 403 -28.72 8.14 10.91
CA LEU A 403 -28.17 9.12 11.84
C LEU A 403 -28.77 10.51 11.71
N PHE A 404 -29.34 10.88 10.56
CA PHE A 404 -29.86 12.22 10.32
C PHE A 404 -31.25 12.16 9.71
N HIS A 405 -32.09 11.26 10.18
CA HIS A 405 -33.43 11.06 9.64
C HIS A 405 -34.44 11.11 10.77
N SER A 406 -35.72 11.00 10.40
CA SER A 406 -36.76 10.75 11.40
C SER A 406 -36.55 9.41 12.08
N SER A 407 -35.94 8.46 11.39
CA SER A 407 -35.49 7.19 11.96
C SER A 407 -36.59 6.41 12.67
N GLY A 412 -33.54 3.77 11.51
CA GLY A 412 -32.34 3.40 12.23
C GLY A 412 -32.38 3.83 13.69
N ASP A 413 -31.24 4.23 14.21
CA ASP A 413 -31.13 4.70 15.59
C ASP A 413 -30.52 6.11 15.57
N ASN A 414 -31.27 7.05 15.00
CA ASN A 414 -30.99 8.49 15.15
C ASN A 414 -31.41 8.85 16.56
N ASN A 415 -30.44 9.12 17.43
CA ASN A 415 -30.72 9.32 18.84
C ASN A 415 -30.87 10.79 19.22
N GLY A 416 -30.45 11.71 18.35
CA GLY A 416 -30.59 13.12 18.64
C GLY A 416 -31.93 13.72 18.31
N SER A 417 -32.92 12.88 17.98
CA SER A 417 -34.28 13.29 17.67
C SER A 417 -34.31 14.35 16.56
N TYR A 418 -33.29 14.35 15.71
CA TYR A 418 -33.19 15.34 14.64
C TYR A 418 -34.17 15.03 13.52
N SER A 419 -34.80 16.08 12.99
CA SER A 419 -35.77 15.92 11.91
C SER A 419 -35.75 17.17 11.05
N ASN A 420 -35.26 17.03 9.82
CA ASN A 420 -35.25 18.11 8.85
C ASN A 420 -35.95 17.60 7.59
N PRO A 421 -36.96 18.31 7.08
CA PRO A 421 -37.75 17.75 5.97
C PRO A 421 -36.99 17.68 4.67
N LYS A 422 -36.07 18.62 4.43
CA LYS A 422 -35.27 18.60 3.22
C LYS A 422 -34.11 17.62 3.34
N VAL A 423 -33.62 17.39 4.56
CA VAL A 423 -32.57 16.39 4.77
C VAL A 423 -33.15 14.99 4.62
N ASP A 424 -34.37 14.77 5.11
CA ASP A 424 -35.03 13.48 4.94
C ASP A 424 -35.16 13.13 3.47
N GLU A 425 -35.67 14.08 2.67
CA GLU A 425 -35.85 13.82 1.25
C GLU A 425 -34.52 13.66 0.53
N ALA A 426 -33.55 14.53 0.84
CA ALA A 426 -32.26 14.46 0.16
C ALA A 426 -31.56 13.13 0.41
N LEU A 427 -31.64 12.62 1.64
CA LEU A 427 -31.02 11.34 1.95
C LEU A 427 -31.80 10.18 1.35
N TYR A 428 -33.10 10.35 1.12
CA TYR A 428 -33.90 9.28 0.55
C TYR A 428 -33.70 9.17 -0.96
N LYS A 429 -33.60 10.30 -1.66
CA LYS A 429 -33.37 10.26 -3.10
C LYS A 429 -32.02 9.63 -3.42
N ALA A 430 -30.96 10.10 -2.77
CA ALA A 430 -29.63 9.52 -2.98
C ALA A 430 -29.59 8.06 -2.58
N ARG A 431 -30.43 7.66 -1.62
CA ARG A 431 -30.52 6.26 -1.24
C ARG A 431 -31.25 5.44 -2.28
N THR A 432 -32.12 6.07 -3.07
CA THR A 432 -32.97 5.36 -4.02
C THR A 432 -32.63 5.60 -5.47
N THR A 433 -31.87 6.64 -5.79
CA THR A 433 -31.50 6.93 -7.16
C THR A 433 -30.23 6.18 -7.55
N THR A 434 -30.18 5.76 -8.81
CA THR A 434 -29.07 4.94 -9.31
C THR A 434 -27.91 5.78 -9.84
N ASP A 435 -28.20 6.82 -10.63
CA ASP A 435 -27.17 7.67 -11.21
C ASP A 435 -26.30 8.27 -10.11
N GLU A 436 -25.05 7.80 -10.02
CA GLU A 436 -24.17 8.23 -8.93
C GLU A 436 -23.82 9.70 -9.03
N ASN A 437 -23.81 10.26 -10.25
CA ASN A 437 -23.55 11.69 -10.40
C ASN A 437 -24.64 12.52 -9.76
N GLU A 438 -25.89 12.05 -9.84
CA GLU A 438 -26.98 12.71 -9.14
C GLU A 438 -27.07 12.29 -7.67
N ARG A 439 -26.53 11.11 -7.33
CA ARG A 439 -26.36 10.76 -5.92
C ARG A 439 -25.43 11.76 -5.24
N LYS A 440 -24.40 12.22 -5.97
CA LYS A 440 -23.59 13.33 -5.48
C LYS A 440 -24.44 14.56 -5.21
N LYS A 441 -25.36 14.87 -6.13
CA LYS A 441 -26.19 16.06 -6.01
C LYS A 441 -27.01 16.03 -4.72
N TYR A 442 -27.72 14.92 -4.49
CA TYR A 442 -28.55 14.83 -3.29
C TYR A 442 -27.71 14.82 -2.03
N TYR A 443 -26.56 14.13 -2.05
CA TYR A 443 -25.68 14.13 -0.90
C TYR A 443 -25.00 15.49 -0.70
N ALA A 444 -24.87 16.29 -1.75
CA ALA A 444 -24.36 17.64 -1.59
C ALA A 444 -25.40 18.57 -0.99
N GLU A 445 -26.67 18.40 -1.39
CA GLU A 445 -27.73 19.22 -0.82
C GLU A 445 -28.05 18.82 0.62
N PHE A 446 -27.88 17.54 0.95
CA PHE A 446 -28.06 17.11 2.33
C PHE A 446 -26.99 17.72 3.24
N GLN A 447 -25.73 17.72 2.78
CA GLN A 447 -24.66 18.28 3.59
C GLN A 447 -24.83 19.79 3.75
N LYS A 448 -25.24 20.48 2.69
CA LYS A 448 -25.47 21.93 2.79
C LYS A 448 -26.57 22.23 3.79
N GLU A 449 -27.68 21.49 3.73
CA GLU A 449 -28.75 21.68 4.70
C GLU A 449 -28.31 21.29 6.10
N LEU A 450 -27.44 20.28 6.23
CA LEU A 450 -26.94 19.89 7.53
C LEU A 450 -25.99 20.94 8.11
N ALA A 451 -25.38 21.76 7.26
CA ALA A 451 -24.51 22.83 7.77
C ALA A 451 -25.33 23.92 8.44
N GLU A 452 -26.46 24.31 7.83
CA GLU A 452 -27.29 25.36 8.39
C GLU A 452 -28.26 24.85 9.45
N ASP A 453 -28.61 23.57 9.41
CA ASP A 453 -29.45 22.94 10.43
C ASP A 453 -28.66 21.79 11.04
N PRO A 454 -27.71 22.08 11.93
CA PRO A 454 -26.81 21.02 12.40
C PRO A 454 -27.49 20.08 13.38
N ALA A 455 -27.33 18.78 13.15
CA ALA A 455 -27.73 17.79 14.13
C ALA A 455 -26.62 17.57 15.15
N TYR A 456 -25.37 17.64 14.70
CA TYR A 456 -24.20 17.40 15.55
C TYR A 456 -23.35 18.66 15.62
N ASP A 457 -22.47 18.67 16.62
CA ASP A 457 -21.38 19.64 16.72
C ASP A 457 -20.10 18.87 16.40
N PHE A 458 -19.70 18.90 15.14
CA PHE A 458 -18.56 18.10 14.68
C PHE A 458 -17.27 18.57 15.34
N GLY A 459 -16.36 17.62 15.56
CA GLY A 459 -15.10 17.91 16.21
C GLY A 459 -13.89 17.68 15.33
N VAL A 460 -13.36 16.45 15.36
CA VAL A 460 -12.14 16.11 14.63
C VAL A 460 -12.32 14.76 13.95
N TYR A 461 -11.61 14.57 12.84
CA TYR A 461 -11.52 13.29 12.18
C TYR A 461 -10.25 12.58 12.62
N LEU A 462 -10.33 11.28 12.83
CA LEU A 462 -9.29 10.53 13.51
C LEU A 462 -8.34 9.86 12.53
N LYS A 463 -7.15 9.56 13.03
CA LYS A 463 -6.12 8.82 12.30
C LYS A 463 -5.83 7.54 13.05
N ALA A 464 -5.98 6.40 12.37
CA ALA A 464 -5.73 5.11 13.00
C ALA A 464 -4.23 4.92 13.19
N LEU A 465 -3.84 4.58 14.43
CA LEU A 465 -2.43 4.41 14.79
C LEU A 465 -2.22 2.97 15.23
N PHE A 466 -1.44 2.22 14.46
CA PHE A 466 -1.17 0.82 14.74
C PHE A 466 0.34 0.60 14.82
N GLY A 467 0.78 -0.01 15.91
CA GLY A 467 2.15 -0.45 16.03
C GLY A 467 2.30 -1.88 15.57
N VAL A 468 2.96 -2.08 14.43
CA VAL A 468 3.10 -3.40 13.82
C VAL A 468 4.56 -3.83 13.89
N ASN A 469 4.78 -5.08 14.25
CA ASN A 469 6.14 -5.62 14.34
C ASN A 469 6.81 -5.61 12.97
N LYS A 470 8.13 -5.37 12.98
CA LYS A 470 8.89 -5.24 11.74
C LYS A 470 8.96 -6.54 10.95
N ARG A 471 8.61 -7.68 11.55
CA ARG A 471 8.63 -8.96 10.85
C ARG A 471 7.39 -9.19 10.01
N VAL A 472 6.42 -8.28 10.03
CA VAL A 472 5.14 -8.45 9.34
C VAL A 472 5.18 -7.73 8.02
N SER A 473 4.66 -8.38 6.98
CA SER A 473 4.56 -7.82 5.64
C SER A 473 3.12 -7.86 5.17
N GLY A 474 2.86 -7.26 4.00
CA GLY A 474 1.59 -7.38 3.33
C GLY A 474 0.55 -6.35 3.67
N VAL A 475 0.82 -5.46 4.64
CA VAL A 475 -0.18 -4.47 5.03
C VAL A 475 -0.40 -3.49 3.89
N LYS A 476 -1.67 -3.26 3.56
CA LYS A 476 -2.05 -2.27 2.55
C LYS A 476 -3.05 -1.31 3.17
N GLU A 477 -2.72 -0.02 3.18
CA GLU A 477 -3.54 0.98 3.84
C GLU A 477 -4.74 1.34 2.99
N LYS A 478 -5.78 1.85 3.68
CA LYS A 478 -6.98 2.38 3.06
C LYS A 478 -7.76 3.10 4.15
N VAL A 479 -8.86 3.75 3.75
CA VAL A 479 -9.68 4.48 4.72
C VAL A 479 -10.39 3.48 5.62
N LEU A 480 -10.21 3.64 6.92
CA LEU A 480 -10.73 2.70 7.91
C LEU A 480 -12.01 3.22 8.56
N GLY A 481 -12.64 2.35 9.32
CA GLY A 481 -13.89 2.64 10.01
C GLY A 481 -13.68 2.91 11.49
N HIS A 482 -14.59 2.41 12.32
CA HIS A 482 -14.58 2.72 13.74
C HIS A 482 -13.36 2.11 14.41
N HIS A 483 -12.55 2.96 15.04
CA HIS A 483 -11.38 2.54 15.82
C HIS A 483 -10.41 1.69 15.00
N GLY A 484 -10.35 1.95 13.69
CA GLY A 484 -9.49 1.17 12.83
C GLY A 484 -10.12 -0.12 12.32
N ALA A 485 -11.44 -0.15 12.23
CA ALA A 485 -12.13 -1.33 11.70
C ALA A 485 -11.76 -1.53 10.24
N GLY A 486 -11.10 -2.65 9.96
CA GLY A 486 -10.65 -2.95 8.61
C GLY A 486 -9.20 -2.70 8.34
N PHE A 487 -8.40 -2.38 9.36
CA PHE A 487 -6.97 -2.22 9.15
C PHE A 487 -6.32 -3.55 8.78
N LEU A 488 -6.82 -4.66 9.33
CA LEU A 488 -6.29 -6.00 9.07
C LEU A 488 -7.19 -6.75 8.10
N TRP A 489 -7.73 -6.04 7.10
CA TRP A 489 -8.69 -6.65 6.17
C TRP A 489 -8.05 -7.70 5.28
N ASN A 490 -6.73 -7.69 5.13
CA ASN A 490 -6.04 -8.59 4.20
C ASN A 490 -4.99 -9.44 4.92
N VAL A 491 -5.25 -9.79 6.19
CA VAL A 491 -4.28 -10.55 6.97
C VAL A 491 -4.02 -11.91 6.34
N GLU A 492 -5.00 -12.45 5.63
CA GLU A 492 -4.76 -13.72 4.94
C GLU A 492 -3.73 -13.60 3.83
N GLN A 493 -3.18 -12.42 3.57
CA GLN A 493 -2.09 -12.28 2.63
C GLN A 493 -0.83 -11.71 3.27
N TRP A 494 -0.89 -11.34 4.55
CA TRP A 494 0.28 -10.85 5.26
C TRP A 494 1.32 -11.96 5.37
N ASN A 495 2.57 -11.55 5.60
CA ASN A 495 3.68 -12.48 5.58
C ASN A 495 4.51 -12.35 6.86
N VAL A 496 4.80 -13.49 7.47
CA VAL A 496 5.76 -13.56 8.57
C VAL A 496 7.13 -13.85 7.99
N ASN A 497 8.11 -13.03 8.34
CA ASN A 497 9.47 -13.15 7.83
C ASN A 497 9.49 -13.06 6.30
N GLY B 11 -10.25 11.10 -21.27
CA GLY B 11 -10.70 9.72 -21.29
C GLY B 11 -10.04 8.87 -22.36
N LYS B 12 -9.68 7.64 -21.98
CA LYS B 12 -9.09 6.65 -22.88
C LYS B 12 -7.75 7.10 -23.47
N THR B 13 -7.07 8.01 -22.78
CA THR B 13 -5.72 8.42 -23.16
C THR B 13 -4.89 8.53 -21.90
N LEU B 14 -3.88 7.68 -21.77
CA LEU B 14 -3.08 7.59 -20.55
C LEU B 14 -1.87 8.51 -20.65
N VAL B 15 -1.67 9.34 -19.63
CA VAL B 15 -0.55 10.25 -19.55
C VAL B 15 0.35 9.82 -18.40
N TYR B 16 1.64 9.69 -18.69
CA TYR B 16 2.64 9.24 -17.71
C TYR B 16 3.62 10.37 -17.47
N GLY B 17 3.76 10.78 -16.21
CA GLY B 17 4.73 11.80 -15.86
C GLY B 17 6.06 11.22 -15.42
N ALA B 18 6.92 10.93 -16.39
CA ALA B 18 8.21 10.32 -16.08
C ALA B 18 9.22 11.38 -15.66
N GLU B 19 10.13 10.98 -14.78
CA GLU B 19 11.17 11.87 -14.28
C GLU B 19 12.45 11.82 -15.11
N PHE B 20 12.59 10.84 -15.99
CA PHE B 20 13.79 10.70 -16.80
C PHE B 20 13.40 10.38 -18.23
N GLU B 21 14.09 11.03 -19.17
CA GLU B 21 13.83 10.84 -20.60
C GLU B 21 14.71 9.74 -21.17
N ASP B 22 14.15 9.01 -22.13
CA ASP B 22 14.92 7.99 -22.83
C ASP B 22 16.08 8.62 -23.59
N GLU B 23 17.17 7.87 -23.71
CA GLU B 23 18.28 8.29 -24.55
C GLU B 23 18.19 7.67 -25.95
N LYS B 24 17.98 6.35 -26.00
CA LYS B 24 17.77 5.64 -27.24
C LYS B 24 16.57 4.71 -27.09
N LEU B 25 15.77 4.58 -28.14
CA LEU B 25 14.62 3.69 -28.16
C LEU B 25 14.98 2.37 -28.82
N ASN B 26 15.96 1.68 -28.23
CA ASN B 26 16.46 0.41 -28.71
C ASN B 26 16.63 -0.47 -27.47
N PRO B 27 16.03 -1.67 -27.44
CA PRO B 27 16.23 -2.55 -26.28
C PRO B 27 17.69 -2.87 -26.04
N ILE B 28 18.43 -3.21 -27.09
CA ILE B 28 19.88 -3.22 -26.97
C ILE B 28 20.39 -1.80 -26.91
N LEU B 29 21.58 -1.64 -26.32
CA LEU B 29 22.27 -0.37 -26.08
C LEU B 29 21.81 0.32 -24.79
N THR B 30 20.71 -0.11 -24.20
CA THR B 30 20.25 0.54 -22.98
C THR B 30 19.71 -0.49 -21.98
N GLU B 31 19.88 -0.19 -20.70
CA GLU B 31 19.30 -0.95 -19.61
C GLU B 31 18.05 -0.29 -19.04
N ASP B 32 17.80 0.97 -19.39
CA ASP B 32 16.69 1.71 -18.81
C ASP B 32 15.35 1.07 -19.19
N LYS B 33 14.54 0.79 -18.17
CA LYS B 33 13.17 0.30 -18.38
C LYS B 33 12.21 1.48 -18.53
N TYR B 34 12.45 2.28 -19.55
CA TYR B 34 11.68 3.49 -19.81
C TYR B 34 10.60 3.16 -20.85
N THR B 35 10.45 3.93 -21.93
CA THR B 35 9.42 3.64 -22.94
C THR B 35 9.73 2.39 -23.75
N ASN B 36 10.95 1.86 -23.66
CA ASN B 36 11.28 0.62 -24.37
C ASN B 36 10.37 -0.52 -23.94
N GLU B 37 9.98 -0.55 -22.67
CA GLU B 37 9.18 -1.65 -22.15
C GLU B 37 7.76 -1.66 -22.70
N GLU B 38 7.33 -0.58 -23.36
CA GLU B 38 6.01 -0.53 -24.00
C GLU B 38 6.07 -0.78 -25.50
N ILE B 39 7.26 -0.72 -26.10
CA ILE B 39 7.39 -0.80 -27.55
C ILE B 39 7.92 -2.17 -27.96
N PHE B 40 8.73 -2.78 -27.10
CA PHE B 40 9.42 -4.01 -27.42
C PHE B 40 9.02 -5.12 -26.46
N THR B 41 8.90 -6.33 -27.00
CA THR B 41 8.71 -7.54 -26.21
C THR B 41 9.75 -8.57 -26.64
N GLY B 42 9.94 -9.60 -25.81
CA GLY B 42 10.95 -10.59 -26.03
C GLY B 42 10.40 -12.01 -26.06
N LEU B 43 11.32 -12.96 -26.27
CA LEU B 43 10.95 -14.38 -26.20
C LEU B 43 10.31 -14.71 -24.87
N MET B 44 10.78 -14.10 -23.80
CA MET B 44 10.21 -14.24 -22.47
C MET B 44 9.80 -12.87 -21.95
N LYS B 45 9.08 -12.88 -20.83
CA LYS B 45 8.71 -11.65 -20.14
C LYS B 45 8.30 -12.01 -18.72
N PHE B 46 8.80 -11.22 -17.76
CA PHE B 46 8.48 -11.46 -16.36
C PHE B 46 6.98 -11.26 -16.13
N ASP B 47 6.40 -12.12 -15.31
CA ASP B 47 4.97 -12.10 -15.05
C ASP B 47 4.69 -11.34 -13.75
N GLU B 48 3.55 -11.63 -13.13
CA GLU B 48 3.16 -10.97 -11.88
C GLU B 48 4.11 -11.31 -10.73
N ASN B 49 4.86 -12.40 -10.83
CA ASN B 49 5.81 -12.79 -9.80
C ASN B 49 7.26 -12.64 -10.25
N ASN B 50 7.50 -11.78 -11.25
CA ASN B 50 8.83 -11.58 -11.82
C ASN B 50 9.42 -12.89 -12.34
N ILE B 51 8.57 -13.79 -12.80
CA ILE B 51 8.99 -15.09 -13.33
C ILE B 51 9.02 -14.98 -14.85
N PRO B 52 10.16 -15.23 -15.49
CA PRO B 52 10.21 -15.15 -16.96
C PRO B 52 9.47 -16.29 -17.63
N LYS B 53 8.38 -15.97 -18.32
CA LYS B 53 7.58 -16.97 -19.01
C LYS B 53 7.51 -16.63 -20.50
N PRO B 54 7.38 -17.64 -21.36
CA PRO B 54 7.43 -17.39 -22.80
C PRO B 54 6.39 -16.39 -23.26
N GLU B 55 6.80 -15.53 -24.20
CA GLU B 55 5.93 -14.50 -24.76
C GLU B 55 5.94 -14.57 -26.28
N ILE B 56 6.94 -13.93 -26.91
CA ILE B 56 7.11 -14.07 -28.35
C ILE B 56 7.37 -15.52 -28.71
N ALA B 57 8.09 -16.25 -27.85
CA ALA B 57 8.29 -17.67 -28.04
C ALA B 57 7.08 -18.44 -27.53
N ASP B 58 6.81 -19.57 -28.19
CA ASP B 58 5.73 -20.46 -27.77
C ASP B 58 6.20 -21.60 -26.88
N SER B 59 7.42 -22.09 -27.09
CA SER B 59 7.98 -23.17 -26.29
C SER B 59 9.49 -23.06 -26.33
N TYR B 60 10.15 -23.90 -25.51
CA TYR B 60 11.60 -23.95 -25.50
C TYR B 60 12.02 -25.27 -24.86
N THR B 61 13.27 -25.66 -25.16
CA THR B 61 13.82 -26.91 -24.65
C THR B 61 15.28 -26.71 -24.31
N ILE B 62 15.68 -27.17 -23.13
CA ILE B 62 17.07 -27.12 -22.68
C ILE B 62 17.59 -28.55 -22.58
N SER B 63 18.78 -28.80 -23.13
CA SER B 63 19.30 -30.15 -23.25
C SER B 63 19.83 -30.68 -21.92
N ASP B 64 20.68 -31.70 -21.99
CA ASP B 64 21.15 -32.39 -20.80
C ASP B 64 22.32 -31.67 -20.15
N ASP B 65 23.26 -31.18 -20.95
CA ASP B 65 24.35 -30.36 -20.42
C ASP B 65 23.91 -28.95 -20.09
N LYS B 66 22.62 -28.65 -20.22
CA LYS B 66 22.07 -27.32 -19.93
C LYS B 66 22.80 -26.25 -20.72
N LEU B 67 23.20 -26.59 -21.94
CA LEU B 67 23.98 -25.70 -22.79
C LEU B 67 23.23 -25.17 -23.99
N THR B 68 22.20 -25.87 -24.45
CA THR B 68 21.46 -25.48 -25.65
C THR B 68 20.01 -25.17 -25.29
N TYR B 69 19.50 -24.08 -25.84
CA TYR B 69 18.12 -23.64 -25.64
C TYR B 69 17.45 -23.58 -27.01
N ASP B 70 16.63 -24.57 -27.32
CA ASP B 70 15.89 -24.60 -28.58
C ASP B 70 14.52 -23.98 -28.34
N PHE B 71 14.34 -22.75 -28.81
CA PHE B 71 13.09 -22.03 -28.63
C PHE B 71 12.15 -22.26 -29.79
N LYS B 72 10.86 -22.25 -29.50
CA LYS B 72 9.80 -22.28 -30.50
C LYS B 72 9.16 -20.89 -30.58
N LEU B 73 9.15 -20.30 -31.76
CA LEU B 73 8.65 -18.95 -31.95
C LEU B 73 7.22 -18.97 -32.48
N LYS B 74 6.39 -18.07 -31.97
CA LYS B 74 5.02 -17.96 -32.44
C LYS B 74 5.00 -17.45 -33.88
N LYS B 75 4.00 -17.91 -34.63
CA LYS B 75 3.84 -17.53 -36.02
C LYS B 75 3.00 -16.27 -36.12
N GLY B 76 3.34 -15.42 -37.09
CA GLY B 76 2.53 -14.26 -37.38
C GLY B 76 2.67 -13.08 -36.43
N ILE B 77 3.72 -13.07 -35.62
CA ILE B 77 3.95 -11.92 -34.75
C ILE B 77 4.41 -10.74 -35.60
N LYS B 78 3.59 -9.69 -35.65
CA LYS B 78 3.81 -8.58 -36.57
C LYS B 78 4.60 -7.46 -35.89
N PHE B 79 5.58 -6.93 -36.61
CA PHE B 79 6.25 -5.71 -36.18
C PHE B 79 5.32 -4.52 -36.42
N HIS B 80 5.78 -3.34 -35.97
CA HIS B 80 4.95 -2.15 -36.09
C HIS B 80 4.82 -1.68 -37.53
N ASP B 81 5.74 -2.06 -38.41
CA ASP B 81 5.65 -1.73 -39.83
C ASP B 81 4.91 -2.81 -40.62
N GLU B 82 4.10 -3.63 -39.94
CA GLU B 82 3.33 -4.71 -40.55
C GLU B 82 4.22 -5.79 -41.17
N THR B 83 5.46 -5.91 -40.70
CA THR B 83 6.35 -6.98 -41.12
C THR B 83 6.29 -8.12 -40.12
N GLU B 84 6.59 -9.33 -40.59
CA GLU B 84 6.49 -10.53 -39.77
C GLU B 84 7.81 -10.79 -39.06
N LEU B 85 7.73 -11.10 -37.76
CA LEU B 85 8.90 -11.46 -36.98
C LEU B 85 9.30 -12.90 -37.30
N LYS B 86 10.57 -13.09 -37.64
CA LYS B 86 11.12 -14.42 -37.91
C LYS B 86 12.35 -14.63 -37.01
N ALA B 87 12.99 -15.79 -37.21
CA ALA B 87 14.14 -16.13 -36.36
C ALA B 87 15.34 -15.25 -36.65
N GLU B 88 15.48 -14.77 -37.89
CA GLU B 88 16.61 -13.90 -38.23
C GLU B 88 16.60 -12.60 -37.42
N ASP B 89 15.42 -12.18 -36.94
CA ASP B 89 15.36 -10.98 -36.11
C ASP B 89 15.85 -11.24 -34.70
N VAL B 90 15.46 -12.38 -34.12
CA VAL B 90 16.00 -12.78 -32.83
C VAL B 90 17.50 -13.01 -32.93
N VAL B 91 17.94 -13.65 -34.02
CA VAL B 91 19.37 -13.85 -34.24
C VAL B 91 20.07 -12.50 -34.33
N PHE B 92 19.49 -11.55 -35.07
CA PHE B 92 20.10 -10.23 -35.20
C PHE B 92 20.21 -9.53 -33.85
N THR B 93 19.16 -9.63 -33.03
CA THR B 93 19.16 -8.92 -31.75
C THR B 93 20.21 -9.46 -30.80
N LEU B 94 20.27 -10.79 -30.66
CA LEU B 94 21.21 -11.38 -29.70
C LEU B 94 22.64 -11.30 -30.22
N LYS B 95 22.84 -11.50 -31.52
CA LYS B 95 24.20 -11.43 -32.06
C LYS B 95 24.73 -10.00 -32.11
N SER B 96 23.84 -9.02 -32.22
CA SER B 96 24.27 -7.63 -32.16
C SER B 96 24.63 -7.18 -30.75
N ILE B 97 24.09 -7.86 -29.73
CA ILE B 97 24.49 -7.56 -28.36
C ILE B 97 25.93 -7.99 -28.13
N LEU B 98 26.31 -9.16 -28.66
CA LEU B 98 27.65 -9.71 -28.48
C LEU B 98 28.65 -9.18 -29.50
N ASP B 99 28.21 -8.51 -30.55
CA ASP B 99 29.12 -7.97 -31.54
C ASP B 99 30.07 -6.97 -30.89
N GLU B 100 31.37 -7.19 -31.07
CA GLU B 100 32.37 -6.38 -30.38
C GLU B 100 32.28 -4.92 -30.79
N LYS B 101 31.99 -4.65 -32.06
CA LYS B 101 31.97 -3.27 -32.54
C LYS B 101 30.70 -2.54 -32.14
N VAL B 102 29.59 -3.26 -31.95
CA VAL B 102 28.38 -2.61 -31.44
C VAL B 102 28.65 -2.03 -30.06
N ASN B 103 29.41 -2.76 -29.24
CA ASN B 103 29.84 -2.29 -27.92
C ASN B 103 28.66 -1.89 -27.05
N SER B 104 27.61 -2.71 -27.06
CA SER B 104 26.43 -2.44 -26.26
C SER B 104 26.77 -2.56 -24.78
N SER B 105 26.02 -1.81 -23.96
CA SER B 105 26.20 -1.89 -22.52
C SER B 105 25.81 -3.25 -21.96
N LEU B 106 24.93 -3.97 -22.65
CA LEU B 106 24.45 -5.28 -22.20
C LEU B 106 25.36 -6.42 -22.62
N LYS B 107 26.44 -6.14 -23.37
CA LYS B 107 27.29 -7.22 -23.87
C LYS B 107 27.84 -8.12 -22.78
N PRO B 108 28.42 -7.62 -21.68
CA PRO B 108 28.92 -8.53 -20.65
C PRO B 108 27.82 -9.31 -19.95
N GLU B 109 26.63 -8.74 -19.86
CA GLU B 109 25.52 -9.46 -19.23
C GLU B 109 25.11 -10.68 -20.05
N TYR B 110 25.33 -10.65 -21.36
CA TYR B 110 25.07 -11.77 -22.23
C TYR B 110 26.34 -12.49 -22.66
N SER B 111 27.46 -12.24 -21.97
CA SER B 111 28.75 -12.75 -22.40
C SER B 111 28.77 -14.27 -22.46
N GLU B 112 28.11 -14.93 -21.52
CA GLU B 112 28.12 -16.39 -21.45
C GLU B 112 27.36 -17.05 -22.58
N ILE B 113 26.89 -16.31 -23.58
CA ILE B 113 26.24 -16.89 -24.75
C ILE B 113 27.31 -17.16 -25.80
N LYS B 114 27.49 -18.42 -26.17
CA LYS B 114 28.50 -18.76 -27.15
C LYS B 114 28.06 -18.41 -28.56
N ASP B 115 26.80 -18.72 -28.91
CA ASP B 115 26.31 -18.49 -30.26
C ASP B 115 24.78 -18.49 -30.23
N VAL B 116 24.19 -17.81 -31.21
CA VAL B 116 22.75 -17.76 -31.41
C VAL B 116 22.52 -17.97 -32.91
N GLN B 117 22.08 -19.16 -33.28
CA GLN B 117 21.79 -19.51 -34.66
C GLN B 117 20.33 -19.95 -34.79
N ALA B 118 19.81 -19.83 -36.01
CA ALA B 118 18.42 -20.12 -36.31
C ALA B 118 18.32 -21.51 -36.95
N VAL B 119 17.59 -22.41 -36.28
CA VAL B 119 17.39 -23.75 -36.84
C VAL B 119 16.33 -23.70 -37.94
N ASN B 120 15.40 -22.76 -37.85
CA ASN B 120 14.36 -22.56 -38.86
C ASN B 120 13.76 -21.18 -38.58
N ASP B 121 13.12 -20.62 -39.61
CA ASP B 121 12.57 -19.27 -39.57
C ASP B 121 11.70 -18.99 -38.34
N TYR B 122 11.14 -20.01 -37.70
CA TYR B 122 10.28 -19.80 -36.54
C TYR B 122 10.76 -20.55 -35.30
N GLU B 123 12.03 -20.93 -35.25
CA GLU B 123 12.63 -21.50 -34.04
C GLU B 123 14.08 -21.06 -33.97
N VAL B 124 14.53 -20.69 -32.77
CA VAL B 124 15.87 -20.16 -32.56
C VAL B 124 16.59 -21.01 -31.53
N LYS B 125 17.90 -21.20 -31.73
CA LYS B 125 18.76 -21.94 -30.81
C LYS B 125 19.81 -21.00 -30.25
N VAL B 126 20.07 -21.11 -28.94
CA VAL B 126 21.03 -20.27 -28.25
C VAL B 126 22.10 -21.17 -27.63
N ILE B 127 23.37 -20.88 -27.93
CA ILE B 127 24.49 -21.66 -27.46
C ILE B 127 25.14 -20.94 -26.28
N LEU B 128 25.39 -21.68 -25.20
CA LEU B 128 26.03 -21.15 -24.01
C LEU B 128 27.46 -21.69 -23.90
N LYS B 129 28.31 -20.92 -23.21
CA LYS B 129 29.64 -21.41 -22.89
C LYS B 129 29.57 -22.47 -21.80
N GLU B 130 28.91 -22.15 -20.68
CA GLU B 130 28.58 -23.12 -19.65
C GLU B 130 27.14 -22.89 -19.22
N ALA B 131 26.66 -23.72 -18.29
CA ALA B 131 25.28 -23.63 -17.86
C ALA B 131 24.99 -22.27 -17.23
N PHE B 132 23.85 -21.70 -17.61
CA PHE B 132 23.44 -20.37 -17.16
C PHE B 132 21.95 -20.36 -16.90
N PRO B 133 21.53 -20.67 -15.68
CA PRO B 133 20.09 -20.71 -15.37
C PRO B 133 19.39 -19.39 -15.65
N PRO B 134 19.93 -18.22 -15.21
CA PRO B 134 19.21 -16.96 -15.49
C PRO B 134 19.32 -16.50 -16.93
N LEU B 135 19.50 -17.42 -17.87
CA LEU B 135 19.45 -17.05 -19.27
C LEU B 135 18.05 -16.59 -19.67
N LEU B 136 17.02 -17.24 -19.11
CA LEU B 136 15.66 -16.87 -19.43
C LEU B 136 15.29 -15.50 -18.86
N ASP B 137 15.93 -15.10 -17.76
CA ASP B 137 15.72 -13.76 -17.24
C ASP B 137 16.24 -12.71 -18.19
N LYS B 138 17.41 -12.95 -18.79
CA LYS B 138 18.01 -11.98 -19.69
C LYS B 138 17.36 -12.01 -21.07
N LEU B 139 16.81 -13.15 -21.48
CA LEU B 139 16.21 -13.27 -22.81
C LEU B 139 14.83 -12.64 -22.91
N THR B 140 14.41 -11.90 -21.88
CA THR B 140 13.22 -11.04 -21.99
C THR B 140 13.52 -9.76 -22.74
N ILE B 141 14.73 -9.63 -23.29
CA ILE B 141 15.11 -8.43 -24.03
C ILE B 141 14.23 -8.27 -25.25
N GLY B 142 13.91 -7.02 -25.58
CA GLY B 142 13.05 -6.77 -26.73
C GLY B 142 13.73 -7.15 -28.03
N ILE B 143 12.94 -7.72 -28.94
CA ILE B 143 13.44 -8.23 -30.21
C ILE B 143 13.47 -7.08 -31.22
N ILE B 144 14.52 -7.07 -32.04
CA ILE B 144 14.78 -5.98 -32.98
C ILE B 144 14.61 -6.48 -34.41
N PRO B 145 13.93 -5.73 -35.28
CA PRO B 145 13.82 -6.15 -36.68
C PRO B 145 15.14 -5.96 -37.41
N LYS B 146 15.55 -6.99 -38.14
CA LYS B 146 16.84 -6.95 -38.83
C LYS B 146 16.77 -6.09 -40.10
N HIS B 147 15.65 -6.14 -40.81
CA HIS B 147 15.55 -5.42 -42.07
C HIS B 147 15.66 -3.91 -41.89
N CYS B 148 15.28 -3.40 -40.71
CA CYS B 148 15.41 -1.98 -40.43
C CYS B 148 16.85 -1.56 -40.17
N PHE B 149 17.81 -2.47 -40.25
CA PHE B 149 19.22 -2.16 -40.11
C PHE B 149 20.01 -2.64 -41.33
N ASN B 150 19.36 -2.63 -42.50
CA ASN B 150 20.03 -2.96 -43.74
C ASN B 150 21.06 -1.88 -44.06
N GLY B 151 22.33 -2.28 -44.13
CA GLY B 151 23.38 -1.28 -44.10
C GLY B 151 23.35 -0.59 -42.75
N LYS B 152 23.22 0.74 -42.76
CA LYS B 152 23.01 1.52 -41.56
C LYS B 152 24.07 1.24 -40.48
N ASP B 153 23.76 1.58 -39.24
CA ASP B 153 24.63 1.25 -38.11
C ASP B 153 23.80 1.39 -36.84
N ILE B 154 23.80 0.32 -36.02
CA ILE B 154 22.89 0.24 -34.87
C ILE B 154 23.09 1.41 -33.91
N ASN B 155 24.33 1.89 -33.79
CA ASN B 155 24.58 3.00 -32.85
C ASN B 155 24.04 4.31 -33.39
N THR B 156 24.19 4.56 -34.69
CA THR B 156 23.79 5.81 -35.31
C THR B 156 22.56 5.67 -36.20
N ALA B 157 21.74 4.65 -35.97
CA ALA B 157 20.62 4.37 -36.86
C ALA B 157 19.47 5.34 -36.62
N GLU B 158 18.66 5.53 -37.66
CA GLU B 158 17.39 6.23 -37.52
C GLU B 158 16.42 5.46 -36.63
N PHE B 159 16.67 4.16 -36.44
CA PHE B 159 15.82 3.34 -35.59
C PHE B 159 15.75 3.86 -34.16
N ASN B 160 16.85 4.42 -33.66
CA ASN B 160 16.88 4.88 -32.28
C ASN B 160 15.89 6.00 -32.02
N GLN B 161 15.59 6.80 -33.05
CA GLN B 161 14.59 7.86 -32.92
C GLN B 161 13.21 7.43 -33.37
N LYS B 162 13.12 6.51 -34.33
CA LYS B 162 11.86 6.00 -34.85
C LYS B 162 11.86 4.48 -34.69
N PRO B 163 11.55 3.98 -33.50
CA PRO B 163 11.66 2.55 -33.24
C PRO B 163 10.54 1.75 -33.90
N ILE B 164 10.80 0.46 -34.07
CA ILE B 164 9.83 -0.50 -34.60
C ILE B 164 9.96 -1.78 -33.79
N GLY B 165 8.90 -2.14 -33.07
CA GLY B 165 8.96 -3.33 -32.24
C GLY B 165 7.74 -4.23 -32.35
N THR B 166 7.53 -5.07 -31.35
CA THR B 166 6.36 -5.94 -31.29
C THR B 166 5.54 -5.73 -30.03
N GLY B 167 5.79 -4.65 -29.28
CA GLY B 167 5.10 -4.40 -28.05
C GLY B 167 3.66 -4.01 -28.26
N PRO B 168 2.91 -3.89 -27.17
CA PRO B 168 1.48 -3.54 -27.29
C PRO B 168 1.23 -2.12 -27.74
N PHE B 169 2.25 -1.27 -27.80
CA PHE B 169 2.09 0.11 -28.23
C PHE B 169 3.11 0.43 -29.30
N LYS B 170 2.68 1.17 -30.32
CA LYS B 170 3.51 1.52 -31.46
C LYS B 170 3.97 2.97 -31.34
N PHE B 171 5.21 3.22 -31.78
CA PHE B 171 5.75 4.56 -31.76
C PHE B 171 4.94 5.50 -32.65
N VAL B 172 4.79 6.75 -32.21
CA VAL B 172 4.04 7.74 -32.96
C VAL B 172 4.89 8.98 -33.18
N LYS B 173 5.38 9.59 -32.10
CA LYS B 173 6.11 10.85 -32.18
C LYS B 173 7.05 10.95 -30.99
N TRP B 174 8.24 11.52 -31.24
CA TRP B 174 9.25 11.73 -30.21
C TRP B 174 9.61 13.21 -30.18
N ASP B 175 9.22 13.89 -29.13
CA ASP B 175 9.60 15.28 -28.91
C ASP B 175 10.72 15.31 -27.88
N LYS B 176 11.88 15.80 -28.29
CA LYS B 176 13.03 15.85 -27.40
C LYS B 176 12.77 16.80 -26.24
N GLY B 177 13.07 16.34 -25.02
CA GLY B 177 12.86 17.14 -23.83
C GLY B 177 11.42 17.35 -23.44
N ASN B 178 10.46 16.79 -24.18
CA ASN B 178 9.05 17.02 -23.88
C ASN B 178 8.28 15.71 -23.73
N ASN B 179 8.02 15.01 -24.84
CA ASN B 179 7.12 13.87 -24.78
C ASN B 179 7.47 12.85 -25.85
N ILE B 180 7.14 11.59 -25.56
CA ILE B 180 7.06 10.53 -26.56
C ILE B 180 5.62 10.06 -26.58
N THR B 181 5.06 9.92 -27.78
CA THR B 181 3.67 9.52 -27.96
C THR B 181 3.60 8.16 -28.62
N LEU B 182 2.72 7.29 -28.10
CA LEU B 182 2.47 5.98 -28.66
C LEU B 182 0.97 5.77 -28.78
N THR B 183 0.59 4.74 -29.54
CA THR B 183 -0.82 4.39 -29.72
C THR B 183 -0.97 2.88 -29.62
N LYS B 184 -2.22 2.45 -29.45
CA LYS B 184 -2.52 1.03 -29.32
C LYS B 184 -2.19 0.28 -30.60
N PHE B 185 -1.39 -0.78 -30.48
CA PHE B 185 -1.04 -1.62 -31.63
C PHE B 185 -2.18 -2.59 -31.87
N LYS B 186 -2.97 -2.33 -32.91
CA LYS B 186 -4.17 -3.12 -33.19
C LYS B 186 -3.86 -4.56 -33.62
N ASP B 187 -2.59 -4.89 -33.84
CA ASP B 187 -2.20 -6.24 -34.23
C ASP B 187 -1.40 -6.95 -33.15
N TYR B 188 -1.49 -6.48 -31.91
CA TYR B 188 -0.82 -7.13 -30.79
C TYR B 188 -1.43 -8.50 -30.54
N TYR B 189 -0.59 -9.43 -30.08
CA TYR B 189 -0.98 -10.83 -29.96
C TYR B 189 -1.70 -11.14 -28.65
N GLY B 190 -1.26 -10.53 -27.55
CA GLY B 190 -1.77 -10.86 -26.23
C GLY B 190 -2.98 -10.04 -25.84
N LYS B 191 -3.31 -10.12 -24.55
CA LYS B 191 -4.44 -9.38 -24.01
C LYS B 191 -4.09 -7.91 -23.87
N THR B 192 -5.13 -7.07 -23.93
CA THR B 192 -4.95 -5.62 -23.83
C THR B 192 -6.21 -5.00 -23.24
N GLY B 193 -6.04 -3.86 -22.58
CA GLY B 193 -7.15 -3.15 -21.99
C GLY B 193 -7.88 -2.27 -22.97
N ASN B 194 -8.20 -1.02 -22.57
CA ASN B 194 -8.92 -0.10 -23.43
C ASN B 194 -8.17 1.22 -23.63
N ILE B 195 -6.86 1.23 -23.43
CA ILE B 195 -6.06 2.42 -23.71
C ILE B 195 -5.72 2.45 -25.19
N GLU B 196 -6.11 3.53 -25.87
CA GLU B 196 -5.78 3.71 -27.27
C GLU B 196 -4.56 4.61 -27.49
N LYS B 197 -4.12 5.33 -26.46
CA LYS B 197 -3.00 6.25 -26.59
C LYS B 197 -2.26 6.32 -25.27
N PHE B 198 -0.94 6.12 -25.32
CA PHE B 198 -0.07 6.21 -24.16
C PHE B 198 0.93 7.34 -24.40
N VAL B 199 0.93 8.33 -23.52
CA VAL B 199 1.84 9.47 -23.61
C VAL B 199 2.72 9.49 -22.36
N VAL B 200 4.01 9.78 -22.55
CA VAL B 200 4.96 9.92 -21.46
C VAL B 200 5.55 11.32 -21.55
N LYS B 201 5.27 12.14 -20.53
CA LYS B 201 5.79 13.50 -20.47
C LYS B 201 7.01 13.51 -19.55
N PHE B 202 8.11 14.11 -20.02
CA PHE B 202 9.37 14.09 -19.30
C PHE B 202 9.42 15.29 -18.35
N ILE B 203 9.19 15.03 -17.08
CA ILE B 203 9.18 16.05 -16.04
C ILE B 203 10.09 15.56 -14.92
N ALA B 204 11.32 16.08 -14.87
CA ALA B 204 12.26 15.67 -13.83
C ALA B 204 12.04 16.42 -12.52
N ASP B 205 11.37 17.57 -12.55
CA ASP B 205 11.05 18.33 -11.35
C ASP B 205 9.82 17.71 -10.70
N TYR B 206 10.01 17.07 -9.54
CA TYR B 206 8.93 16.30 -8.94
C TYR B 206 7.81 17.19 -8.40
N ASN B 207 8.04 18.49 -8.24
CA ASN B 207 6.96 19.39 -7.82
C ASN B 207 5.99 19.66 -8.95
N VAL B 208 6.46 19.65 -10.20
CA VAL B 208 5.57 19.84 -11.33
C VAL B 208 4.67 18.63 -11.51
N ARG B 209 5.20 17.43 -11.22
CA ARG B 209 4.41 16.21 -11.37
C ARG B 209 3.27 16.16 -10.36
N ALA B 210 3.54 16.53 -9.11
CA ALA B 210 2.48 16.54 -8.10
C ALA B 210 1.40 17.55 -8.45
N MET B 211 1.78 18.69 -9.01
CA MET B 211 0.79 19.66 -9.44
C MET B 211 0.00 19.16 -10.63
N GLN B 212 0.68 18.58 -11.62
CA GLN B 212 -0.02 18.04 -12.78
C GLN B 212 -0.89 16.84 -12.39
N LEU B 213 -0.46 16.06 -11.40
CA LEU B 213 -1.32 15.00 -10.88
C LEU B 213 -2.53 15.59 -10.18
N GLN B 214 -2.34 16.66 -9.41
CA GLN B 214 -3.46 17.32 -8.74
C GLN B 214 -4.44 17.90 -9.75
N THR B 215 -3.92 18.64 -10.73
CA THR B 215 -4.78 19.18 -11.79
C THR B 215 -5.39 18.06 -12.62
N GLY B 216 -4.71 16.92 -12.72
CA GLY B 216 -5.12 15.85 -13.60
C GLY B 216 -4.42 15.85 -14.94
N GLU B 217 -3.37 16.65 -15.11
CA GLU B 217 -2.67 16.70 -16.40
C GLU B 217 -1.95 15.38 -16.69
N ILE B 218 -1.48 14.70 -15.65
CA ILE B 218 -0.86 13.39 -15.79
C ILE B 218 -1.65 12.40 -14.93
N ASP B 219 -1.51 11.12 -15.26
CA ASP B 219 -2.19 10.05 -14.55
C ASP B 219 -1.30 9.33 -13.56
N VAL B 220 -0.06 9.02 -13.95
CA VAL B 220 0.87 8.27 -13.12
C VAL B 220 2.14 9.11 -12.94
N ALA B 221 2.73 9.05 -11.75
CA ALA B 221 3.98 9.76 -11.49
C ALA B 221 4.66 9.15 -10.26
N TYR B 222 5.95 8.88 -10.40
CA TYR B 222 6.76 8.44 -9.27
C TYR B 222 6.91 9.59 -8.27
N LEU B 223 6.51 9.35 -7.03
CA LEU B 223 6.51 10.38 -6.00
C LEU B 223 7.66 10.17 -5.03
N GLU B 224 8.13 11.28 -4.46
CA GLU B 224 9.16 11.26 -3.43
C GLU B 224 8.51 11.16 -2.06
N PRO B 225 9.26 10.69 -1.06
CA PRO B 225 8.69 10.63 0.30
C PRO B 225 8.23 11.97 0.82
N SER B 226 8.85 13.06 0.37
CA SER B 226 8.57 14.38 0.91
C SER B 226 7.15 14.88 0.62
N GLN B 227 6.38 14.16 -0.20
CA GLN B 227 5.12 14.71 -0.69
C GLN B 227 4.03 13.65 -0.80
N VAL B 228 4.09 12.60 0.03
CA VAL B 228 3.08 11.55 -0.07
C VAL B 228 1.82 11.93 0.68
N SER B 229 1.96 12.55 1.86
CA SER B 229 0.81 12.82 2.70
C SER B 229 -0.22 13.73 2.04
N LYS B 230 0.24 14.63 1.16
CA LYS B 230 -0.69 15.56 0.52
C LYS B 230 -1.33 14.99 -0.74
N ILE B 231 -0.65 14.08 -1.44
CA ILE B 231 -1.29 13.42 -2.58
C ILE B 231 -2.40 12.51 -2.11
N GLU B 232 -2.26 11.92 -0.92
CA GLU B 232 -3.35 11.15 -0.34
C GLU B 232 -4.54 12.04 -0.01
N LYS B 233 -4.30 13.29 0.37
CA LYS B 233 -5.40 14.21 0.61
C LYS B 233 -6.17 14.52 -0.66
N LEU B 234 -5.51 14.42 -1.83
CA LEU B 234 -6.20 14.62 -3.10
C LEU B 234 -7.20 13.50 -3.32
N ASN B 235 -8.41 13.87 -3.72
CA ASN B 235 -9.50 12.92 -3.90
C ASN B 235 -9.57 12.36 -5.32
N ASN B 236 -8.61 12.69 -6.17
CA ASN B 236 -8.58 12.18 -7.54
C ASN B 236 -7.33 11.36 -7.85
N VAL B 237 -6.41 11.22 -6.90
CA VAL B 237 -5.17 10.47 -7.10
C VAL B 237 -5.07 9.42 -6.01
N LYS B 238 -4.60 8.23 -6.40
CA LYS B 238 -4.30 7.16 -5.47
C LYS B 238 -2.79 6.98 -5.39
N VAL B 239 -2.27 6.84 -4.17
CA VAL B 239 -0.85 6.66 -3.93
C VAL B 239 -0.56 5.18 -3.79
N TYR B 240 0.40 4.69 -4.57
CA TYR B 240 0.83 3.30 -4.53
C TYR B 240 2.20 3.21 -3.85
N LYS B 241 2.30 2.36 -2.84
CA LYS B 241 3.56 2.11 -2.14
C LYS B 241 3.87 0.62 -2.29
N VAL B 242 4.93 0.32 -3.05
CA VAL B 242 5.25 -1.06 -3.42
C VAL B 242 6.66 -1.39 -2.96
N ASP B 243 6.93 -2.69 -2.84
CA ASP B 243 8.25 -3.17 -2.47
C ASP B 243 9.17 -3.15 -3.69
N THR B 244 10.41 -2.74 -3.46
CA THR B 244 11.42 -2.71 -4.51
C THR B 244 12.69 -3.42 -4.04
N ALA B 245 13.39 -4.02 -4.98
CA ALA B 245 14.74 -4.48 -4.74
C ALA B 245 15.76 -3.35 -4.80
N ASP B 246 15.33 -2.16 -5.19
CA ASP B 246 16.21 -0.99 -5.27
C ASP B 246 16.69 -0.64 -3.86
N TYR B 247 18.01 -0.65 -3.66
CA TYR B 247 18.61 -0.28 -2.39
C TYR B 247 19.66 0.79 -2.60
N ARG B 248 19.91 1.55 -1.55
CA ARG B 248 20.92 2.60 -1.55
C ARG B 248 21.98 2.24 -0.53
N CYS B 249 23.24 2.47 -0.90
CA CYS B 249 24.37 2.09 -0.06
C CYS B 249 25.52 3.06 -0.32
N MET B 250 26.67 2.79 0.28
CA MET B 250 27.89 3.53 0.02
C MET B 250 28.97 2.56 -0.43
N MET B 251 29.68 2.93 -1.49
CA MET B 251 30.69 2.06 -2.08
C MET B 251 32.04 2.28 -1.40
N TYR B 252 32.68 1.18 -1.01
CA TYR B 252 34.05 1.22 -0.51
C TYR B 252 34.99 1.01 -1.69
N ASN B 253 35.68 2.08 -2.11
CA ASN B 253 36.66 1.96 -3.17
C ASN B 253 37.94 1.39 -2.59
N MET B 254 38.27 0.15 -2.97
CA MET B 254 39.44 -0.53 -2.43
C MET B 254 40.76 0.08 -2.88
N LYS B 255 40.73 1.01 -3.83
CA LYS B 255 41.96 1.68 -4.25
C LYS B 255 42.55 2.51 -3.12
N LYS B 256 41.72 3.00 -2.21
CA LYS B 256 42.19 3.81 -1.09
C LYS B 256 42.60 2.91 0.06
N ASP B 257 43.81 3.15 0.59
CA ASP B 257 44.33 2.37 1.70
C ASP B 257 43.54 2.55 2.99
N ILE B 258 42.65 3.56 3.05
CA ILE B 258 41.86 3.79 4.24
C ILE B 258 40.97 2.60 4.57
N TRP B 259 40.62 1.80 3.55
CA TRP B 259 39.73 0.66 3.75
C TRP B 259 40.40 -0.67 3.38
N LYS B 260 41.74 -0.71 3.36
CA LYS B 260 42.42 -1.99 3.22
C LYS B 260 42.12 -2.89 4.41
N ASP B 261 42.16 -2.33 5.62
CA ASP B 261 41.77 -3.07 6.81
C ASP B 261 40.26 -3.23 6.84
N VAL B 262 39.79 -4.48 6.85
CA VAL B 262 38.37 -4.76 6.91
C VAL B 262 37.75 -4.16 8.17
N ASN B 263 38.53 -4.11 9.27
CA ASN B 263 38.00 -3.56 10.51
C ASN B 263 37.59 -2.11 10.38
N VAL B 264 38.18 -1.37 9.43
CA VAL B 264 37.75 0.00 9.18
C VAL B 264 36.40 0.02 8.50
N ARG B 265 36.16 -0.92 7.59
CA ARG B 265 34.89 -0.95 6.87
C ARG B 265 33.76 -1.44 7.78
N LYS B 266 34.02 -2.45 8.61
CA LYS B 266 32.99 -2.93 9.52
C LYS B 266 32.60 -1.86 10.52
N ALA B 267 33.57 -1.05 10.96
CA ALA B 267 33.34 0.08 11.86
C ALA B 267 32.91 1.34 11.13
N PHE B 268 32.65 1.26 9.83
CA PHE B 268 31.92 2.31 9.15
C PHE B 268 30.49 1.91 8.85
N ASN B 269 30.20 0.60 8.90
CA ASN B 269 28.84 0.12 8.78
C ASN B 269 28.09 0.20 10.10
N TYR B 270 28.81 0.07 11.23
CA TYR B 270 28.16 0.16 12.53
C TYR B 270 27.65 1.58 12.81
N ALA B 271 28.37 2.59 12.33
CA ALA B 271 28.10 3.99 12.65
C ALA B 271 26.87 4.54 11.96
N LEU B 272 25.97 3.73 11.41
CA LEU B 272 24.83 4.23 10.66
C LEU B 272 23.54 3.85 11.38
N ASP B 273 22.74 4.86 11.72
CA ASP B 273 21.39 4.64 12.28
C ASP B 273 20.45 4.42 11.10
N ARG B 274 20.41 3.17 10.62
CA ARG B 274 19.57 2.85 9.47
C ARG B 274 18.10 3.06 9.77
N LYS B 275 17.67 2.83 11.01
CA LYS B 275 16.29 3.11 11.38
C LYS B 275 15.97 4.59 11.28
N GLY B 276 16.84 5.43 11.85
CA GLY B 276 16.68 6.86 11.68
C GLY B 276 16.84 7.32 10.25
N MET B 277 17.43 6.48 9.39
CA MET B 277 17.57 6.81 7.99
C MET B 277 16.30 6.54 7.18
N VAL B 278 15.43 5.65 7.65
CA VAL B 278 14.11 5.46 7.06
C VAL B 278 13.05 6.28 7.78
N ASP B 279 13.36 6.84 8.94
CA ASP B 279 12.41 7.64 9.70
C ASP B 279 12.45 9.11 9.29
N GLY B 280 13.64 9.69 9.18
CA GLY B 280 13.75 11.11 8.86
C GLY B 280 13.89 11.40 7.39
N ILE B 281 14.28 10.41 6.61
CA ILE B 281 14.59 10.59 5.19
C ILE B 281 13.53 9.93 4.31
N LEU B 282 13.13 8.71 4.65
CA LEU B 282 12.08 8.01 3.92
C LEU B 282 10.74 8.06 4.66
N LEU B 283 10.77 8.48 5.92
CA LEU B 283 9.57 8.55 6.76
C LEU B 283 8.83 7.21 6.83
N GLY B 284 9.60 6.12 6.81
CA GLY B 284 9.05 4.79 6.87
C GLY B 284 8.72 4.16 5.53
N TYR B 285 8.91 4.88 4.43
CA TYR B 285 8.68 4.33 3.10
C TYR B 285 9.92 3.59 2.61
N GLY B 286 10.34 2.62 3.41
CA GLY B 286 11.51 1.85 3.08
C GLY B 286 11.82 0.83 4.16
N SER B 287 13.05 0.33 4.14
CA SER B 287 13.46 -0.71 5.08
C SER B 287 14.97 -0.68 5.22
N GLU B 288 15.44 -1.01 6.43
CA GLU B 288 16.87 -1.06 6.70
C GLU B 288 17.52 -2.18 5.91
N ALA B 289 18.70 -1.90 5.36
CA ALA B 289 19.38 -2.83 4.46
C ALA B 289 20.53 -3.52 5.15
N TYR B 290 20.83 -4.74 4.68
CA TYR B 290 21.97 -5.50 5.19
C TYR B 290 22.45 -6.50 4.14
N SER B 291 21.60 -6.82 3.17
CA SER B 291 21.88 -7.85 2.20
C SER B 291 21.69 -7.32 0.78
N PRO B 292 22.57 -7.73 -0.16
CA PRO B 292 22.36 -7.33 -1.56
C PRO B 292 21.21 -8.06 -2.24
N LEU B 293 20.59 -9.02 -1.57
CA LEU B 293 19.47 -9.78 -2.11
C LEU B 293 18.37 -9.92 -1.07
N GLN B 294 18.09 -8.85 -0.34
CA GLN B 294 17.10 -8.91 0.73
C GLN B 294 15.73 -9.29 0.18
N ILE B 295 15.30 -8.64 -0.89
CA ILE B 295 14.07 -9.02 -1.59
C ILE B 295 14.51 -9.99 -2.69
N ASN B 296 14.55 -11.26 -2.34
CA ASN B 296 14.93 -12.33 -3.26
C ASN B 296 14.69 -13.67 -2.57
N LYS B 297 14.41 -14.69 -3.38
CA LYS B 297 14.19 -16.03 -2.83
C LYS B 297 15.47 -16.65 -2.29
N PHE B 298 16.63 -16.11 -2.65
CA PHE B 298 17.92 -16.63 -2.20
C PHE B 298 18.58 -15.73 -1.17
N ASN B 299 17.77 -15.07 -0.34
CA ASN B 299 18.28 -14.15 0.66
C ASN B 299 18.90 -14.92 1.84
N ASN B 300 19.91 -14.32 2.46
CA ASN B 300 20.49 -14.86 3.68
C ASN B 300 19.95 -14.07 4.86
N PRO B 301 19.07 -14.66 5.69
CA PRO B 301 18.46 -13.88 6.77
C PRO B 301 19.36 -13.65 7.97
N ASP B 302 20.37 -14.49 8.19
CA ASP B 302 21.19 -14.36 9.38
C ASP B 302 22.65 -14.09 9.06
N VAL B 303 22.91 -13.00 8.34
CA VAL B 303 24.28 -12.54 8.13
C VAL B 303 24.56 -11.40 9.10
N GLU B 304 25.80 -10.92 9.12
CA GLU B 304 26.20 -9.84 10.02
C GLU B 304 25.60 -8.53 9.54
N LYS B 305 24.51 -8.11 10.19
CA LYS B 305 23.95 -6.77 9.99
C LYS B 305 24.48 -5.86 11.08
N TYR B 306 24.99 -4.70 10.68
CA TYR B 306 25.63 -3.75 11.58
C TYR B 306 24.58 -2.74 12.03
N SER B 307 24.09 -2.90 13.26
CA SER B 307 22.97 -2.11 13.78
C SER B 307 23.45 -1.23 14.93
N TYR B 308 23.98 -0.06 14.55
CA TYR B 308 24.13 1.11 15.42
C TYR B 308 24.84 0.78 16.73
N ASN B 309 26.15 0.53 16.63
CA ASN B 309 27.00 0.42 17.83
C ASN B 309 28.25 1.26 17.57
N LEU B 310 28.19 2.53 17.97
CA LEU B 310 29.33 3.42 17.77
C LEU B 310 30.42 3.25 18.81
N ASP B 311 30.24 2.37 19.78
CA ASP B 311 31.32 1.95 20.65
C ASP B 311 31.96 0.64 20.19
N LYS B 312 31.46 0.08 19.09
CA LYS B 312 32.28 -0.77 18.23
C LYS B 312 33.11 0.08 17.28
N SER B 313 32.52 1.20 16.82
CA SER B 313 33.20 2.08 15.87
C SER B 313 34.45 2.71 16.49
N ASN B 314 34.38 3.17 17.74
CA ASN B 314 35.59 3.62 18.40
C ASN B 314 36.49 2.44 18.76
N SER B 315 35.89 1.29 19.12
CA SER B 315 36.70 0.14 19.52
C SER B 315 37.44 -0.45 18.34
N LEU B 316 36.75 -0.67 17.22
CA LEU B 316 37.41 -1.24 16.04
C LEU B 316 38.42 -0.27 15.45
N LEU B 317 38.07 1.02 15.34
CA LEU B 317 39.01 1.99 14.81
C LEU B 317 40.21 2.18 15.72
N GLU B 318 40.00 2.09 17.05
CA GLU B 318 41.10 2.21 17.99
C GLU B 318 42.12 1.11 17.77
N SER B 319 41.66 -0.14 17.74
CA SER B 319 42.58 -1.27 17.57
C SER B 319 43.24 -1.24 16.21
N ALA B 320 42.51 -0.85 15.17
CA ALA B 320 43.06 -0.83 13.82
C ALA B 320 44.27 0.09 13.68
N GLY B 321 44.39 1.09 14.56
CA GLY B 321 45.57 1.93 14.55
C GLY B 321 45.27 3.42 14.59
N TRP B 322 44.03 3.80 14.31
CA TRP B 322 43.67 5.20 14.25
C TRP B 322 43.40 5.73 15.66
N LYS B 323 43.85 6.96 15.92
CA LYS B 323 43.88 7.49 17.30
C LYS B 323 43.69 9.00 17.28
N LYS B 324 42.54 9.46 17.80
CA LYS B 324 42.33 10.83 18.27
C LYS B 324 40.89 11.06 18.70
N GLY B 325 40.63 12.20 19.35
CA GLY B 325 39.30 12.56 19.78
C GLY B 325 39.28 13.71 20.77
N ILE B 329 37.50 8.58 16.74
CA ILE B 329 38.76 8.06 16.24
C ILE B 329 39.14 8.80 14.97
N ARG B 330 40.42 9.12 14.79
CA ARG B 330 40.72 10.10 13.75
C ARG B 330 42.03 9.88 12.98
N VAL B 331 43.12 9.56 13.67
CA VAL B 331 44.46 9.64 13.07
C VAL B 331 45.19 8.31 13.20
N LYS B 332 45.70 7.80 12.09
CA LYS B 332 46.61 6.66 12.08
C LYS B 332 47.79 6.97 11.18
N ASP B 333 49.00 6.92 11.76
CA ASP B 333 50.25 7.01 11.01
C ASP B 333 50.35 8.31 10.21
N GLY B 334 49.91 9.41 10.82
CA GLY B 334 50.02 10.71 10.18
C GLY B 334 49.18 10.85 8.93
N LYS B 335 48.06 10.14 8.85
CA LYS B 335 47.13 10.25 7.73
C LYS B 335 45.73 10.28 8.33
N LYS B 336 45.14 11.47 8.37
CA LYS B 336 43.85 11.65 9.03
C LYS B 336 42.75 10.93 8.28
N LEU B 337 41.80 10.38 9.05
CA LEU B 337 40.66 9.63 8.51
C LEU B 337 39.73 10.59 7.78
N GLU B 338 40.09 10.90 6.53
CA GLU B 338 39.33 11.80 5.70
C GLU B 338 39.15 11.19 4.32
N PHE B 339 37.96 11.41 3.74
CA PHE B 339 37.70 11.03 2.36
C PHE B 339 36.48 11.82 1.88
N THR B 340 36.17 11.66 0.59
CA THR B 340 35.11 12.43 -0.06
C THR B 340 34.08 11.46 -0.64
N LEU B 341 32.87 11.51 -0.11
CA LEU B 341 31.76 10.71 -0.61
C LEU B 341 31.04 11.50 -1.69
N THR B 342 31.03 10.97 -2.91
CA THR B 342 30.44 11.65 -4.05
C THR B 342 29.00 11.20 -4.24
N ALA B 343 28.08 12.17 -4.28
CA ALA B 343 26.67 11.92 -4.49
C ALA B 343 26.22 12.46 -5.84
N PRO B 344 25.32 11.77 -6.53
CA PRO B 344 24.86 12.26 -7.84
C PRO B 344 23.84 13.39 -7.68
N LYS B 345 24.02 14.45 -8.48
CA LYS B 345 23.14 15.62 -8.37
C LYS B 345 21.71 15.30 -8.75
N THR B 346 21.50 14.30 -9.61
CA THR B 346 20.16 14.00 -10.09
C THR B 346 19.28 13.44 -8.97
N ASP B 347 19.75 12.39 -8.30
CA ASP B 347 18.97 11.76 -7.24
C ASP B 347 19.06 12.60 -5.96
N GLU B 348 17.90 12.98 -5.42
CA GLU B 348 17.85 13.84 -4.25
C GLU B 348 17.74 13.09 -2.94
N VAL B 349 17.07 11.93 -2.92
CA VAL B 349 17.13 11.06 -1.77
C VAL B 349 18.57 10.60 -1.53
N ARG B 350 19.37 10.57 -2.59
CA ARG B 350 20.76 10.19 -2.48
C ARG B 350 21.59 11.27 -1.80
N VAL B 351 21.38 12.54 -2.18
CA VAL B 351 22.13 13.63 -1.56
C VAL B 351 21.64 13.89 -0.14
N LYS B 352 20.45 13.41 0.22
CA LYS B 352 20.02 13.49 1.60
C LYS B 352 20.66 12.40 2.45
N MET B 353 20.96 11.25 1.84
CA MET B 353 21.67 10.18 2.54
C MET B 353 23.16 10.49 2.66
N ALA B 354 23.77 10.99 1.58
CA ALA B 354 25.20 11.22 1.57
C ALA B 354 25.62 12.24 2.63
N GLU B 355 24.85 13.31 2.78
CA GLU B 355 25.16 14.27 3.84
C GLU B 355 24.74 13.74 5.21
N TYR B 356 23.74 12.86 5.26
CA TYR B 356 23.48 12.11 6.47
C TYR B 356 24.63 11.17 6.79
N PHE B 357 25.22 10.57 5.76
CA PHE B 357 26.36 9.67 5.95
C PHE B 357 27.50 10.39 6.67
N ALA B 358 27.87 11.58 6.17
CA ALA B 358 29.02 12.29 6.71
C ALA B 358 28.76 12.81 8.11
N SER B 359 27.53 13.28 8.38
CA SER B 359 27.23 13.83 9.69
C SER B 359 27.19 12.76 10.77
N GLN B 360 26.83 11.52 10.40
CA GLN B 360 26.90 10.42 11.36
C GLN B 360 28.31 9.84 11.44
N PHE B 361 29.08 9.92 10.35
CA PHE B 361 30.50 9.60 10.43
C PHE B 361 31.29 10.71 11.13
N LYS B 362 30.65 11.84 11.41
CA LYS B 362 31.28 12.86 12.25
C LYS B 362 31.43 12.36 13.68
N LYS B 363 30.43 11.61 14.17
CA LYS B 363 30.44 11.10 15.53
C LYS B 363 31.50 10.05 15.78
N ILE B 364 32.23 9.62 14.74
CA ILE B 364 33.30 8.65 14.88
C ILE B 364 34.65 9.25 14.54
N GLY B 365 34.72 10.56 14.33
CA GLY B 365 35.95 11.26 14.03
C GLY B 365 36.18 11.53 12.56
N ALA B 366 35.49 10.82 11.68
CA ALA B 366 35.71 10.97 10.24
C ALA B 366 35.26 12.34 9.76
N GLU B 367 36.07 12.96 8.91
CA GLU B 367 35.73 14.21 8.24
C GLU B 367 35.52 13.90 6.77
N VAL B 368 34.26 13.77 6.36
CA VAL B 368 33.89 13.29 5.04
C VAL B 368 33.25 14.43 4.26
N LYS B 369 33.94 14.91 3.24
CA LYS B 369 33.37 15.91 2.35
C LYS B 369 32.38 15.26 1.40
N VAL B 370 31.23 15.91 1.23
CA VAL B 370 30.20 15.44 0.30
C VAL B 370 29.95 16.53 -0.73
N ASP B 371 29.85 16.12 -2.00
CA ASP B 371 29.57 17.03 -3.10
C ASP B 371 28.54 16.39 -4.02
N ALA B 372 27.49 17.14 -4.33
CA ALA B 372 26.44 16.68 -5.24
C ALA B 372 26.78 17.16 -6.64
N LEU B 373 27.26 16.26 -7.49
CA LEU B 373 27.64 16.56 -8.85
C LEU B 373 26.82 15.73 -9.83
N ASP B 374 26.61 16.29 -11.02
CA ASP B 374 25.93 15.58 -12.08
C ASP B 374 26.80 14.43 -12.59
N TRP B 375 26.18 13.56 -13.38
CA TRP B 375 26.94 12.50 -14.04
C TRP B 375 27.90 13.05 -15.10
N ASP B 376 27.79 14.34 -15.44
CA ASP B 376 28.70 14.98 -16.37
C ASP B 376 30.12 15.08 -15.85
N ALA B 377 30.36 14.73 -14.58
CA ALA B 377 31.69 14.80 -14.01
C ALA B 377 32.02 13.65 -13.07
N ILE B 378 31.10 12.72 -12.84
CA ILE B 378 31.30 11.66 -11.86
C ILE B 378 32.03 10.50 -12.51
N LYS B 379 33.14 10.07 -11.90
CA LYS B 379 33.85 8.85 -12.25
C LYS B 379 33.90 7.98 -11.00
N ILE B 380 33.08 6.95 -10.96
CA ILE B 380 32.84 6.22 -9.71
C ILE B 380 34.12 5.60 -9.19
N ASP B 381 34.88 4.95 -10.07
CA ASP B 381 36.11 4.30 -9.62
C ASP B 381 37.21 5.28 -9.23
N LYS B 382 36.93 6.59 -9.27
CA LYS B 382 37.87 7.59 -8.79
C LYS B 382 37.45 8.21 -7.46
N CYS B 383 36.21 8.00 -7.02
CA CYS B 383 35.76 8.52 -5.74
C CYS B 383 36.22 7.61 -4.62
N ASP B 384 36.56 8.21 -3.47
CA ASP B 384 36.82 7.41 -2.28
C ASP B 384 35.63 6.55 -1.92
N ALA B 385 34.44 7.14 -1.95
CA ALA B 385 33.20 6.43 -1.69
C ALA B 385 32.11 7.00 -2.57
N PHE B 386 31.21 6.14 -3.04
CA PHE B 386 30.10 6.54 -3.90
C PHE B 386 28.81 5.96 -3.35
N LEU B 387 27.73 6.72 -3.50
CA LEU B 387 26.42 6.27 -3.05
C LEU B 387 25.72 5.58 -4.22
N LEU B 388 25.65 4.26 -4.17
CA LEU B 388 25.15 3.48 -5.29
C LEU B 388 23.65 3.24 -5.20
N GLY B 389 23.07 2.82 -6.32
CA GLY B 389 21.67 2.45 -6.38
C GLY B 389 21.48 1.19 -7.19
N TRP B 390 21.49 0.04 -6.51
CA TRP B 390 21.39 -1.24 -7.18
C TRP B 390 20.25 -2.08 -6.61
N GLY B 391 20.17 -3.35 -7.02
CA GLY B 391 19.12 -4.23 -6.56
C GLY B 391 18.15 -4.60 -7.66
N SER B 392 17.93 -5.91 -7.86
CA SER B 392 17.12 -6.40 -8.95
C SER B 392 16.10 -7.40 -8.44
N PRO B 393 14.84 -7.31 -8.90
CA PRO B 393 13.80 -8.24 -8.45
C PRO B 393 13.84 -9.59 -9.15
N PHE B 394 14.73 -9.77 -10.12
CA PHE B 394 14.75 -11.01 -10.90
C PHE B 394 15.77 -11.98 -10.31
N ASP B 395 16.54 -12.64 -11.17
CA ASP B 395 17.47 -13.66 -10.68
C ASP B 395 18.54 -13.04 -9.79
N ALA B 396 18.99 -13.84 -8.82
CA ALA B 396 19.98 -13.35 -7.85
C ALA B 396 21.31 -13.00 -8.52
N ASP B 397 21.61 -13.63 -9.66
CA ASP B 397 22.84 -13.33 -10.37
C ASP B 397 22.83 -11.94 -11.00
N ASP B 398 21.64 -11.40 -11.28
CA ASP B 398 21.53 -10.17 -12.06
C ASP B 398 22.36 -9.03 -11.47
N HIS B 399 22.24 -8.81 -10.16
CA HIS B 399 22.93 -7.69 -9.54
C HIS B 399 23.87 -8.13 -8.43
N THR B 400 24.67 -9.17 -8.68
CA THR B 400 25.67 -9.60 -7.72
C THR B 400 27.00 -9.88 -8.40
N PHE B 401 27.00 -10.77 -9.40
CA PHE B 401 28.23 -11.16 -10.07
C PHE B 401 28.92 -9.97 -10.71
N ARG B 402 28.15 -9.10 -11.37
CA ARG B 402 28.70 -7.89 -11.95
C ARG B 402 28.99 -6.81 -10.92
N LEU B 403 28.66 -7.04 -9.65
CA LEU B 403 28.78 -6.03 -8.61
C LEU B 403 29.81 -6.35 -7.55
N PHE B 404 30.11 -7.63 -7.31
CA PHE B 404 30.97 -8.03 -6.21
C PHE B 404 32.12 -8.94 -6.62
N HIS B 405 32.14 -9.44 -7.85
CA HIS B 405 33.19 -10.34 -8.30
C HIS B 405 34.50 -9.57 -8.52
N SER B 406 35.51 -10.30 -8.98
CA SER B 406 36.70 -9.69 -9.56
C SER B 406 36.48 -9.29 -11.01
N SER B 407 35.23 -9.30 -11.47
CA SER B 407 34.86 -8.83 -12.80
C SER B 407 34.68 -7.33 -12.73
N GLU B 408 35.80 -6.62 -12.80
CA GLU B 408 35.82 -5.17 -12.82
C GLU B 408 36.50 -4.71 -14.10
N ILE B 409 35.95 -5.16 -15.24
CA ILE B 409 36.73 -5.29 -16.46
C ILE B 409 35.92 -4.91 -17.71
N ASN B 410 35.53 -3.65 -17.82
CA ASN B 410 34.74 -3.16 -18.95
C ASN B 410 33.56 -4.10 -19.20
N GLY B 411 32.68 -4.15 -18.21
CA GLY B 411 31.64 -5.14 -18.17
C GLY B 411 31.29 -5.45 -16.73
N GLY B 412 32.13 -4.94 -15.84
CA GLY B 412 31.89 -5.03 -14.42
C GLY B 412 31.55 -3.66 -13.89
N ASP B 413 30.33 -3.53 -13.37
CA ASP B 413 29.95 -2.39 -12.59
C ASP B 413 30.49 -2.45 -11.17
N ASN B 414 31.49 -3.31 -10.95
CA ASN B 414 32.23 -3.38 -9.69
C ASN B 414 33.27 -2.26 -9.68
N ASN B 415 32.75 -1.03 -9.53
CA ASN B 415 33.60 0.15 -9.59
C ASN B 415 34.45 0.34 -8.34
N GLY B 416 34.08 -0.28 -7.22
CA GLY B 416 34.87 -0.16 -6.01
C GLY B 416 36.14 -0.97 -5.96
N SER B 417 36.43 -1.73 -7.02
CA SER B 417 37.60 -2.59 -7.09
C SER B 417 37.61 -3.63 -5.98
N TYR B 418 36.43 -4.09 -5.57
CA TYR B 418 36.31 -5.10 -4.54
C TYR B 418 36.72 -6.46 -5.09
N SER B 419 37.50 -7.20 -4.30
CA SER B 419 37.99 -8.51 -4.71
C SER B 419 38.02 -9.42 -3.49
N ASN B 420 37.29 -10.53 -3.56
CA ASN B 420 37.26 -11.53 -2.51
C ASN B 420 37.28 -12.90 -3.19
N PRO B 421 38.22 -13.77 -2.83
CA PRO B 421 38.35 -15.03 -3.59
C PRO B 421 37.19 -15.98 -3.38
N LYS B 422 36.63 -16.06 -2.17
CA LYS B 422 35.53 -16.98 -1.92
C LYS B 422 34.19 -16.37 -2.30
N VAL B 423 34.06 -15.04 -2.26
CA VAL B 423 32.91 -14.39 -2.87
C VAL B 423 32.91 -14.64 -4.36
N ASP B 424 34.09 -14.72 -4.98
CA ASP B 424 34.19 -15.06 -6.40
C ASP B 424 33.66 -16.46 -6.67
N GLU B 425 34.05 -17.43 -5.84
CA GLU B 425 33.66 -18.81 -6.08
C GLU B 425 32.17 -19.02 -5.80
N ALA B 426 31.63 -18.36 -4.78
CA ALA B 426 30.23 -18.57 -4.43
C ALA B 426 29.29 -18.03 -5.50
N LEU B 427 29.57 -16.84 -6.02
CA LEU B 427 28.74 -16.28 -7.07
C LEU B 427 28.89 -17.05 -8.37
N TYR B 428 30.11 -17.54 -8.65
CA TYR B 428 30.33 -18.33 -9.85
C TYR B 428 29.59 -19.66 -9.79
N LYS B 429 29.65 -20.34 -8.64
CA LYS B 429 29.00 -21.64 -8.50
C LYS B 429 27.49 -21.53 -8.62
N ALA B 430 26.90 -20.54 -7.94
CA ALA B 430 25.47 -20.32 -8.04
C ALA B 430 25.07 -19.79 -9.42
N ARG B 431 26.01 -19.25 -10.18
CA ARG B 431 25.73 -18.79 -11.53
C ARG B 431 25.62 -19.95 -12.52
N THR B 432 26.29 -21.07 -12.23
CA THR B 432 26.36 -22.19 -13.15
C THR B 432 25.63 -23.43 -12.66
N THR B 433 25.25 -23.50 -11.39
CA THR B 433 24.58 -24.68 -10.87
C THR B 433 23.10 -24.66 -11.29
N THR B 434 22.64 -25.79 -11.84
CA THR B 434 21.23 -25.93 -12.18
C THR B 434 20.40 -26.26 -10.94
N ASP B 435 20.95 -27.09 -10.06
CA ASP B 435 20.30 -27.48 -8.82
C ASP B 435 19.94 -26.27 -7.98
N GLU B 436 18.66 -25.88 -8.00
CA GLU B 436 18.23 -24.70 -7.26
C GLU B 436 18.44 -24.88 -5.75
N ASN B 437 18.34 -26.11 -5.26
CA ASN B 437 18.69 -26.35 -3.86
C ASN B 437 20.13 -25.98 -3.57
N GLU B 438 21.02 -26.15 -4.55
CA GLU B 438 22.41 -25.75 -4.38
C GLU B 438 22.61 -24.27 -4.68
N ARG B 439 21.87 -23.72 -5.64
CA ARG B 439 21.94 -22.29 -5.91
C ARG B 439 21.65 -21.48 -4.65
N LYS B 440 20.70 -21.94 -3.84
CA LYS B 440 20.41 -21.27 -2.57
C LYS B 440 21.62 -21.27 -1.65
N LYS B 441 22.38 -22.37 -1.65
CA LYS B 441 23.53 -22.48 -0.75
C LYS B 441 24.63 -21.50 -1.14
N TYR B 442 25.07 -21.54 -2.40
CA TYR B 442 26.19 -20.70 -2.82
C TYR B 442 25.85 -19.22 -2.72
N TYR B 443 24.59 -18.85 -2.94
CA TYR B 443 24.17 -17.47 -2.70
C TYR B 443 24.09 -17.16 -1.22
N ALA B 444 23.92 -18.17 -0.36
CA ALA B 444 23.98 -17.95 1.08
C ALA B 444 25.43 -17.81 1.54
N GLU B 445 26.34 -18.59 0.96
CA GLU B 445 27.75 -18.48 1.29
C GLU B 445 28.32 -17.14 0.83
N PHE B 446 27.90 -16.67 -0.35
CA PHE B 446 28.36 -15.38 -0.84
C PHE B 446 27.92 -14.25 0.09
N GLN B 447 26.68 -14.31 0.57
CA GLN B 447 26.17 -13.24 1.42
C GLN B 447 26.89 -13.20 2.77
N LYS B 448 27.16 -14.37 3.34
CA LYS B 448 27.87 -14.40 4.63
C LYS B 448 29.31 -13.94 4.46
N GLU B 449 30.00 -14.42 3.42
CA GLU B 449 31.36 -13.97 3.14
C GLU B 449 31.40 -12.53 2.66
N LEU B 450 30.26 -11.95 2.27
CA LEU B 450 30.18 -10.52 1.97
C LEU B 450 29.72 -9.69 3.15
N ALA B 451 28.96 -10.28 4.08
CA ALA B 451 28.65 -9.59 5.34
C ALA B 451 29.93 -9.18 6.05
N GLU B 452 30.84 -10.13 6.24
CA GLU B 452 32.20 -9.78 6.61
C GLU B 452 32.98 -9.41 5.35
N ASP B 453 34.05 -8.64 5.53
CA ASP B 453 34.77 -8.02 4.43
C ASP B 453 33.79 -7.30 3.50
N PRO B 454 33.07 -6.30 4.00
CA PRO B 454 31.98 -5.71 3.21
C PRO B 454 32.51 -4.88 2.05
N ALA B 455 31.88 -5.05 0.89
CA ALA B 455 32.17 -4.19 -0.24
C ALA B 455 31.45 -2.85 -0.13
N TYR B 456 30.26 -2.83 0.44
CA TYR B 456 29.42 -1.65 0.54
C TYR B 456 29.21 -1.26 1.99
N ASP B 457 28.69 -0.05 2.17
CA ASP B 457 28.10 0.39 3.42
C ASP B 457 26.61 0.48 3.15
N PHE B 458 25.91 -0.63 3.41
CA PHE B 458 24.49 -0.71 3.08
C PHE B 458 23.69 0.32 3.88
N GLY B 459 22.68 0.90 3.23
CA GLY B 459 21.87 1.93 3.85
C GLY B 459 20.45 1.49 4.11
N VAL B 460 19.56 1.73 3.12
CA VAL B 460 18.15 1.40 3.24
C VAL B 460 17.68 0.74 1.96
N TYR B 461 16.57 0.01 2.06
CA TYR B 461 15.84 -0.47 0.91
C TYR B 461 14.66 0.45 0.65
N LEU B 462 14.32 0.62 -0.62
CA LEU B 462 13.36 1.64 -1.04
C LEU B 462 11.97 1.07 -1.24
N LYS B 463 10.98 1.94 -1.07
CA LYS B 463 9.59 1.66 -1.42
C LYS B 463 9.19 2.65 -2.51
N ALA B 464 8.85 2.14 -3.68
CA ALA B 464 8.49 3.01 -4.80
C ALA B 464 7.14 3.65 -4.54
N LEU B 465 7.07 4.96 -4.69
CA LEU B 465 5.86 5.74 -4.42
C LEU B 465 5.35 6.31 -5.74
N PHE B 466 4.17 5.87 -6.17
CA PHE B 466 3.56 6.30 -7.41
C PHE B 466 2.20 6.92 -7.13
N GLY B 467 1.96 8.10 -7.71
CA GLY B 467 0.65 8.72 -7.65
C GLY B 467 -0.15 8.38 -8.90
N VAL B 468 -1.22 7.62 -8.75
CA VAL B 468 -1.99 7.10 -9.87
C VAL B 468 -3.38 7.71 -9.81
N ASN B 469 -3.85 8.22 -10.95
CA ASN B 469 -5.20 8.76 -11.05
C ASN B 469 -6.22 7.68 -10.74
N LYS B 470 -7.28 8.06 -10.00
CA LYS B 470 -8.29 7.11 -9.59
C LYS B 470 -9.08 6.55 -10.76
N ARG B 471 -9.05 7.22 -11.92
CA ARG B 471 -9.69 6.69 -13.13
C ARG B 471 -8.98 5.46 -13.67
N VAL B 472 -7.79 5.16 -13.18
CA VAL B 472 -6.98 4.04 -13.67
C VAL B 472 -7.36 2.78 -12.92
N SER B 473 -7.54 1.69 -13.65
CA SER B 473 -7.80 0.38 -13.08
C SER B 473 -6.87 -0.63 -13.71
N GLY B 474 -6.58 -1.70 -12.97
CA GLY B 474 -5.77 -2.78 -13.47
C GLY B 474 -4.30 -2.74 -13.13
N VAL B 475 -3.90 -2.02 -12.09
CA VAL B 475 -2.52 -1.98 -11.66
C VAL B 475 -2.28 -3.13 -10.70
N LYS B 476 -1.26 -3.94 -10.98
CA LYS B 476 -0.95 -5.14 -10.20
C LYS B 476 0.42 -4.95 -9.57
N GLU B 477 0.46 -4.73 -8.26
CA GLU B 477 1.72 -4.49 -7.58
C GLU B 477 2.55 -5.76 -7.49
N LYS B 478 3.86 -5.58 -7.54
CA LYS B 478 4.83 -6.64 -7.33
C LYS B 478 6.16 -5.98 -6.93
N VAL B 479 7.20 -6.77 -6.84
CA VAL B 479 8.52 -6.23 -6.52
C VAL B 479 9.08 -5.52 -7.74
N LEU B 480 9.63 -4.33 -7.54
CA LEU B 480 10.13 -3.49 -8.62
C LEU B 480 11.64 -3.36 -8.55
N GLY B 481 12.19 -2.62 -9.51
CA GLY B 481 13.62 -2.40 -9.58
C GLY B 481 14.01 -0.96 -9.32
N HIS B 482 14.98 -0.45 -10.07
CA HIS B 482 15.49 0.89 -9.83
C HIS B 482 14.43 1.94 -10.12
N HIS B 483 14.16 2.78 -9.12
CA HIS B 483 13.20 3.89 -9.23
C HIS B 483 11.81 3.41 -9.66
N GLY B 484 11.43 2.20 -9.23
CA GLY B 484 10.14 1.66 -9.59
C GLY B 484 10.05 1.09 -10.99
N ALA B 485 11.17 0.69 -11.57
CA ALA B 485 11.14 0.10 -12.90
C ALA B 485 10.41 -1.24 -12.87
N GLY B 486 9.40 -1.37 -13.72
CA GLY B 486 8.52 -2.53 -13.71
C GLY B 486 7.11 -2.23 -13.24
N PHE B 487 6.90 -1.07 -12.60
CA PHE B 487 5.55 -0.66 -12.22
C PHE B 487 4.63 -0.63 -13.43
N LEU B 488 5.17 -0.29 -14.60
CA LEU B 488 4.40 -0.18 -15.84
C LEU B 488 4.50 -1.45 -16.68
N TRP B 489 4.56 -2.62 -16.04
CA TRP B 489 4.75 -3.86 -16.76
C TRP B 489 3.49 -4.36 -17.46
N ASN B 490 2.31 -3.95 -16.99
CA ASN B 490 1.05 -4.45 -17.54
C ASN B 490 0.13 -3.29 -17.93
N VAL B 491 0.70 -2.19 -18.41
CA VAL B 491 -0.10 -1.02 -18.76
C VAL B 491 -1.10 -1.36 -19.87
N GLU B 492 -0.74 -2.26 -20.78
CA GLU B 492 -1.65 -2.62 -21.84
C GLU B 492 -2.94 -3.23 -21.31
N GLN B 493 -2.89 -3.83 -20.11
CA GLN B 493 -4.07 -4.40 -19.49
C GLN B 493 -4.83 -3.42 -18.61
N TRP B 494 -4.31 -2.21 -18.44
CA TRP B 494 -5.01 -1.21 -17.63
C TRP B 494 -6.28 -0.75 -18.33
N ASN B 495 -7.32 -0.50 -17.53
CA ASN B 495 -8.59 0.02 -18.03
C ASN B 495 -8.81 1.39 -17.40
N VAL B 496 -8.95 2.41 -18.24
CA VAL B 496 -9.19 3.77 -17.76
C VAL B 496 -10.65 4.15 -17.97
#